data_5WML
#
_entry.id   5WML
#
_cell.length_a   51.813
_cell.length_b   60.117
_cell.length_c   66.734
_cell.angle_alpha   74.78
_cell.angle_beta   76.70
_cell.angle_gamma   83.92
#
_symmetry.space_group_name_H-M   'P 1'
#
loop_
_entity.id
_entity.type
_entity.pdbx_description
1 polymer 'Bifunctional aspartate aminotransferase and glutamate/aspartate-prephenate aminotransferase'
2 non-polymer "4'-DEOXY-4'-AMINOPYRIDOXAL-5'-PHOSPHATE"
3 non-polymer 'GLUTAMIC ACID'
4 water water
#
_entity_poly.entity_id   1
_entity_poly.type   'polypeptide(L)'
_entity_poly.pdbx_seq_one_letter_code
;MASQSSVAVISSAAARGESFPDSKKPIGSVRFQQPLRLSFSYCKSGNMSSRICAMAKPNDAETLSSSVDMSLSPRVQSLK
PSKTMVITDLAATLVQSGVPVIRLAAGEPDFDTPKVVAEAGINAIREGFTRYTLNAGITELREAICRKLKEENGLSYAPD
QILVSNGAKQSLLQAVLAVCSPGDEVIIPAPYWVSYTEQARLADATPVVIPTKISNNFLLDPKDLESKLTEKSRLLILCS
PSNPTGSVYPKSLLEEIARIIAKHPRLLVLSDEIYEHIIYAPATHTSFASLPDMYERTLTVNGFSAAFAMTGWRLGYLAG
PKHIVAACSKLQGQVSSGASSIAQKAGVAALGLGKAGGETVAEMVKAYRERRDFLVKSLGDIKGVKISEPQGAFYLFIDF
SAYYGSEAEGFGLINDSSSLALYFLDKFQVAMVPGDAFGDDSCIRISYATSLDVLQAAVEKIRKALEPLRATVSV
;
_entity_poly.pdbx_strand_id   A,B
#
# COMPACT_ATOMS: atom_id res chain seq x y z
N MET A 70 23.09 -1.17 -0.85
CA MET A 70 24.38 -1.82 -1.01
C MET A 70 24.23 -3.33 -1.19
N SER A 71 23.74 -3.98 -0.13
CA SER A 71 23.50 -5.42 -0.13
C SER A 71 22.09 -5.67 0.39
N LEU A 72 21.15 -5.78 -0.55
CA LEU A 72 19.73 -5.99 -0.21
C LEU A 72 19.42 -7.27 0.56
N SER A 73 18.38 -7.19 1.38
CA SER A 73 17.90 -8.27 2.17
C SER A 73 17.78 -9.46 1.20
N PRO A 74 18.00 -10.65 1.69
CA PRO A 74 17.89 -11.80 0.79
C PRO A 74 16.46 -11.98 0.24
N ARG A 75 15.44 -11.69 1.02
CA ARG A 75 14.08 -11.80 0.50
C ARG A 75 13.83 -10.86 -0.68
N VAL A 76 14.26 -9.61 -0.57
CA VAL A 76 14.01 -8.68 -1.66
C VAL A 76 14.97 -8.99 -2.81
N GLN A 77 16.20 -9.38 -2.50
CA GLN A 77 17.17 -9.67 -3.55
C GLN A 77 16.68 -10.84 -4.42
N SER A 78 16.14 -11.88 -3.78
CA SER A 78 15.68 -13.05 -4.54
C SER A 78 14.25 -12.90 -5.08
N LEU A 79 13.58 -11.82 -4.71
CA LEU A 79 12.21 -11.61 -5.18
C LEU A 79 12.21 -11.47 -6.70
N LYS A 80 11.26 -12.12 -7.36
CA LYS A 80 11.12 -12.01 -8.80
C LYS A 80 10.28 -10.81 -9.19
N PRO A 81 10.72 -10.04 -10.19
CA PRO A 81 9.85 -8.94 -10.64
C PRO A 81 8.53 -9.46 -11.22
N SER A 82 7.45 -8.72 -11.06
CA SER A 82 6.19 -9.10 -11.72
C SER A 82 6.30 -8.87 -13.22
N LYS A 83 6.28 -9.94 -14.01
CA LYS A 83 6.48 -9.78 -15.46
C LYS A 83 5.34 -9.01 -16.11
N THR A 84 4.16 -9.11 -15.51
CA THR A 84 3.02 -8.32 -15.93
C THR A 84 3.34 -6.82 -15.85
N MET A 85 3.83 -6.39 -14.70
CA MET A 85 4.20 -4.98 -14.49
C MET A 85 5.37 -4.58 -15.40
N VAL A 86 6.36 -5.46 -15.49
CA VAL A 86 7.56 -5.23 -16.29
C VAL A 86 7.23 -5.01 -17.78
N ILE A 87 6.43 -5.90 -18.35
CA ILE A 87 6.10 -5.82 -19.77
C ILE A 87 5.15 -4.67 -20.05
N THR A 88 4.17 -4.46 -19.17
CA THR A 88 3.24 -3.34 -19.29
C THR A 88 3.99 -2.01 -19.27
N ASP A 89 4.96 -1.89 -18.37
CA ASP A 89 5.70 -0.62 -18.24
C ASP A 89 6.70 -0.46 -19.39
N LEU A 90 7.21 -1.58 -19.90
CA LEU A 90 8.02 -1.62 -21.10
C LEU A 90 7.24 -1.12 -22.30
N ALA A 91 6.02 -1.64 -22.43
CA ALA A 91 5.17 -1.27 -23.56
C ALA A 91 4.77 0.19 -23.47
N ALA A 92 4.41 0.65 -22.28
CA ALA A 92 4.02 2.05 -22.10
C ALA A 92 5.19 2.97 -22.45
N THR A 93 6.37 2.57 -22.00
CA THR A 93 7.55 3.39 -22.26
C THR A 93 7.90 3.37 -23.75
N LEU A 94 7.79 2.23 -24.41
CA LEU A 94 8.07 2.19 -25.84
C LEU A 94 7.11 3.09 -26.62
N VAL A 95 5.82 2.99 -26.32
CA VAL A 95 4.80 3.83 -26.94
C VAL A 95 5.12 5.31 -26.76
N GLN A 96 5.49 5.69 -25.54
CA GLN A 96 5.78 7.08 -25.22
C GLN A 96 7.03 7.62 -25.93
N SER A 97 7.94 6.73 -26.32
CA SER A 97 9.14 7.14 -27.05
C SER A 97 8.91 7.09 -28.56
N GLY A 98 7.65 6.89 -28.96
CA GLY A 98 7.29 6.96 -30.37
C GLY A 98 7.29 5.63 -31.09
N VAL A 99 7.29 4.53 -30.34
CA VAL A 99 7.13 3.23 -30.97
C VAL A 99 5.74 2.68 -30.68
N PRO A 100 4.87 2.62 -31.70
CA PRO A 100 3.53 2.04 -31.54
C PRO A 100 3.62 0.57 -31.15
N VAL A 101 2.96 0.21 -30.07
CA VAL A 101 2.96 -1.16 -29.58
C VAL A 101 1.52 -1.55 -29.29
N ILE A 102 1.10 -2.73 -29.73
CA ILE A 102 -0.22 -3.21 -29.37
C ILE A 102 -0.13 -3.79 -27.96
N ARG A 103 -0.85 -3.18 -27.02
CA ARG A 103 -0.65 -3.50 -25.61
C ARG A 103 -1.68 -4.45 -25.05
N LEU A 104 -1.28 -5.71 -24.90
CA LEU A 104 -2.18 -6.74 -24.41
C LEU A 104 -1.67 -7.39 -23.13
N ALA A 105 -0.85 -6.67 -22.38
CA ALA A 105 -0.21 -7.27 -21.22
C ALA A 105 -1.12 -7.16 -20.00
N ALA A 106 -1.18 -5.97 -19.40
CA ALA A 106 -2.01 -5.73 -18.23
C ALA A 106 -3.50 -5.84 -18.57
N GLY A 107 -4.28 -6.40 -17.63
CA GLY A 107 -5.71 -6.53 -17.79
C GLY A 107 -6.42 -5.23 -17.45
N GLU A 108 -6.29 -4.26 -18.34
CA GLU A 108 -6.88 -2.95 -18.13
C GLU A 108 -8.01 -2.71 -19.12
N PRO A 109 -9.25 -2.58 -18.59
CA PRO A 109 -10.44 -2.34 -19.40
C PRO A 109 -10.26 -1.13 -20.30
N ASP A 110 -10.80 -1.16 -21.52
CA ASP A 110 -10.77 0.02 -22.37
C ASP A 110 -11.79 1.05 -21.87
N PHE A 111 -12.80 0.59 -21.14
CA PHE A 111 -13.87 1.47 -20.65
C PHE A 111 -13.42 2.51 -19.64
N ASP A 112 -14.08 3.66 -19.69
CA ASP A 112 -13.94 4.66 -18.64
C ASP A 112 -14.57 4.14 -17.34
N THR A 113 -14.17 4.72 -16.22
CA THR A 113 -14.92 4.54 -14.98
C THR A 113 -16.34 5.01 -15.26
N PRO A 114 -17.38 4.26 -14.83
CA PRO A 114 -18.76 4.69 -15.05
C PRO A 114 -19.02 6.11 -14.55
N LYS A 115 -19.81 6.87 -15.29
CA LYS A 115 -20.09 8.28 -14.97
C LYS A 115 -20.46 8.53 -13.52
N VAL A 116 -21.36 7.72 -12.96
CA VAL A 116 -21.83 7.99 -11.62
C VAL A 116 -20.74 7.68 -10.58
N VAL A 117 -19.84 6.76 -10.90
CA VAL A 117 -18.74 6.44 -9.99
C VAL A 117 -17.73 7.59 -9.97
N ALA A 118 -17.38 8.08 -11.16
CA ALA A 118 -16.49 9.22 -11.33
C ALA A 118 -17.08 10.48 -10.66
N GLU A 119 -18.39 10.67 -10.79
CA GLU A 119 -19.05 11.81 -10.15
C GLU A 119 -18.96 11.74 -8.62
N ALA A 120 -19.01 10.53 -8.07
CA ALA A 120 -18.90 10.36 -6.63
C ALA A 120 -17.54 10.76 -6.13
N GLY A 121 -16.51 10.34 -6.86
CA GLY A 121 -15.15 10.73 -6.55
C GLY A 121 -14.96 12.24 -6.66
N ILE A 122 -15.51 12.83 -7.72
CA ILE A 122 -15.36 14.27 -7.94
C ILE A 122 -16.03 15.04 -6.80
N ASN A 123 -17.23 14.61 -6.43
CA ASN A 123 -17.97 15.20 -5.32
C ASN A 123 -17.27 15.07 -3.99
N ALA A 124 -16.59 13.96 -3.80
CA ALA A 124 -15.74 13.75 -2.62
C ALA A 124 -14.67 14.84 -2.55
N ILE A 125 -14.03 15.12 -3.68
CA ILE A 125 -12.99 16.14 -3.71
C ILE A 125 -13.60 17.52 -3.47
N ARG A 126 -14.71 17.80 -4.17
CA ARG A 126 -15.42 19.06 -4.02
C ARG A 126 -15.89 19.38 -2.62
N GLU A 127 -16.33 18.36 -1.87
CA GLU A 127 -16.90 18.57 -0.55
C GLU A 127 -15.87 18.42 0.56
N GLY A 128 -14.59 18.40 0.19
CA GLY A 128 -13.49 18.27 1.13
C GLY A 128 -13.32 16.95 1.85
N PHE A 129 -13.83 15.89 1.25
CA PHE A 129 -13.62 14.54 1.77
C PHE A 129 -12.21 14.03 1.47
N THR A 130 -11.21 14.70 2.05
CA THR A 130 -9.82 14.49 1.71
C THR A 130 -8.94 14.24 2.92
N ARG A 131 -9.55 13.95 4.06
CA ARG A 131 -8.78 13.67 5.28
C ARG A 131 -8.63 12.15 5.48
N TYR A 132 -7.74 11.74 6.39
CA TYR A 132 -7.62 10.31 6.76
C TYR A 132 -8.97 9.66 7.08
N THR A 133 -9.16 8.43 6.60
CA THR A 133 -10.31 7.67 7.01
C THR A 133 -9.91 6.69 8.09
N LEU A 134 -10.89 6.03 8.68
CA LEU A 134 -10.63 4.86 9.53
C LEU A 134 -9.70 3.93 8.78
N ASN A 135 -8.75 3.33 9.49
CA ASN A 135 -7.78 2.45 8.87
C ASN A 135 -8.47 1.36 8.04
N ALA A 136 -9.47 0.71 8.64
CA ALA A 136 -10.18 -0.42 8.04
C ALA A 136 -11.08 0.00 6.88
N GLY A 137 -11.31 1.30 6.74
CA GLY A 137 -12.19 1.80 5.70
C GLY A 137 -13.37 2.54 6.30
N ILE A 138 -13.94 3.47 5.56
CA ILE A 138 -15.07 4.25 6.05
C ILE A 138 -16.25 3.33 6.33
N THR A 139 -17.03 3.68 7.35
CA THR A 139 -18.15 2.84 7.79
C THR A 139 -19.15 2.57 6.67
N GLU A 140 -19.49 3.60 5.91
CA GLU A 140 -20.44 3.46 4.81
C GLU A 140 -20.02 2.44 3.75
N LEU A 141 -18.71 2.34 3.50
CA LEU A 141 -18.23 1.44 2.48
C LEU A 141 -18.23 0.01 2.98
N ARG A 142 -17.81 -0.18 4.22
CA ARG A 142 -17.70 -1.53 4.78
C ARG A 142 -19.10 -2.14 4.97
N GLU A 143 -20.07 -1.28 5.29
CA GLU A 143 -21.47 -1.70 5.35
C GLU A 143 -22.01 -2.07 3.97
N ALA A 144 -21.67 -1.27 2.95
CA ALA A 144 -22.11 -1.56 1.59
C ALA A 144 -21.47 -2.84 1.09
N ILE A 145 -20.23 -3.08 1.52
CA ILE A 145 -19.51 -4.30 1.16
C ILE A 145 -20.17 -5.52 1.82
N CYS A 146 -20.53 -5.42 3.09
CA CYS A 146 -21.30 -6.50 3.72
C CYS A 146 -22.63 -6.76 3.01
N ARG A 147 -23.29 -5.72 2.51
CA ARG A 147 -24.56 -5.91 1.78
C ARG A 147 -24.32 -6.65 0.47
N LYS A 148 -23.25 -6.30 -0.21
CA LYS A 148 -22.84 -6.97 -1.45
C LYS A 148 -22.57 -8.45 -1.21
N LEU A 149 -21.82 -8.75 -0.16
CA LEU A 149 -21.40 -10.13 0.13
C LEU A 149 -22.63 -10.97 0.50
N LYS A 150 -23.58 -10.38 1.21
CA LYS A 150 -24.86 -11.02 1.49
C LYS A 150 -25.65 -11.27 0.20
N GLU A 151 -25.97 -10.19 -0.50
CA GLU A 151 -26.87 -10.26 -1.66
C GLU A 151 -26.30 -11.00 -2.88
N GLU A 152 -25.00 -10.90 -3.13
CA GLU A 152 -24.42 -11.49 -4.33
C GLU A 152 -23.79 -12.85 -4.07
N ASN A 153 -23.35 -13.07 -2.84
CA ASN A 153 -22.53 -14.22 -2.53
C ASN A 153 -23.11 -15.12 -1.43
N GLY A 154 -24.21 -14.69 -0.82
CA GLY A 154 -24.83 -15.44 0.26
C GLY A 154 -23.98 -15.55 1.52
N LEU A 155 -23.10 -14.57 1.74
CA LEU A 155 -22.21 -14.55 2.90
C LEU A 155 -22.56 -13.48 3.97
N SER A 156 -22.36 -13.80 5.24
CA SER A 156 -22.70 -12.85 6.30
C SER A 156 -21.47 -12.41 7.08
N TYR A 157 -21.13 -11.13 6.92
CA TYR A 157 -20.04 -10.52 7.67
C TYR A 157 -20.56 -9.29 8.38
N ALA A 158 -19.91 -8.94 9.48
CA ALA A 158 -20.13 -7.67 10.14
C ALA A 158 -19.10 -6.70 9.57
N PRO A 159 -19.35 -5.38 9.70
CA PRO A 159 -18.43 -4.39 9.14
C PRO A 159 -17.02 -4.47 9.72
N ASP A 160 -16.85 -5.02 10.92
CA ASP A 160 -15.48 -5.16 11.41
C ASP A 160 -14.82 -6.46 10.91
N GLN A 161 -15.46 -7.18 9.98
CA GLN A 161 -14.78 -8.27 9.29
C GLN A 161 -14.35 -7.88 7.88
N ILE A 162 -14.41 -6.58 7.58
CA ILE A 162 -13.98 -6.06 6.29
C ILE A 162 -12.79 -5.16 6.49
N LEU A 163 -11.76 -5.38 5.68
CA LEU A 163 -10.60 -4.50 5.67
C LEU A 163 -10.45 -3.92 4.27
N VAL A 164 -10.50 -2.60 4.16
CA VAL A 164 -10.39 -1.94 2.86
C VAL A 164 -8.95 -1.51 2.62
N SER A 165 -8.40 -1.83 1.44
CA SER A 165 -7.00 -1.51 1.11
C SER A 165 -6.88 -0.82 -0.22
N ASN A 166 -5.64 -0.47 -0.57
CA ASN A 166 -5.31 0.20 -1.83
C ASN A 166 -5.19 -0.80 -2.96
N GLY A 167 -6.30 -1.43 -3.31
CA GLY A 167 -6.31 -2.46 -4.32
C GLY A 167 -6.18 -3.84 -3.73
N ALA A 168 -6.59 -4.83 -4.51
CA ALA A 168 -6.62 -6.21 -4.06
C ALA A 168 -5.23 -6.81 -3.88
N LYS A 169 -4.21 -6.27 -4.54
CA LYS A 169 -2.88 -6.84 -4.43
C LYS A 169 -2.35 -6.70 -3.00
N GLN A 170 -2.60 -5.55 -2.40
CA GLN A 170 -2.21 -5.30 -1.03
C GLN A 170 -3.06 -6.13 -0.07
N SER A 171 -4.38 -6.21 -0.34
CA SER A 171 -5.28 -7.09 0.42
C SER A 171 -4.73 -8.53 0.49
N LEU A 172 -4.29 -9.06 -0.65
CA LEU A 172 -3.75 -10.42 -0.73
C LEU A 172 -2.46 -10.57 0.07
N LEU A 173 -1.53 -9.63 -0.11
CA LEU A 173 -0.24 -9.67 0.57
C LEU A 173 -0.38 -9.68 2.08
N GLN A 174 -1.21 -8.80 2.61
CA GLN A 174 -1.47 -8.73 4.05
C GLN A 174 -2.08 -10.03 4.60
N ALA A 175 -3.00 -10.61 3.85
CA ALA A 175 -3.57 -11.91 4.22
C ALA A 175 -2.49 -13.00 4.32
N VAL A 176 -1.59 -13.03 3.34
CA VAL A 176 -0.52 -14.02 3.33
C VAL A 176 0.41 -13.82 4.54
N LEU A 177 0.80 -12.57 4.76
CA LEU A 177 1.75 -12.24 5.84
C LEU A 177 1.18 -12.51 7.21
N ALA A 178 -0.14 -12.42 7.36
CA ALA A 178 -0.72 -12.54 8.68
C ALA A 178 -0.93 -14.00 9.08
N VAL A 179 -1.23 -14.86 8.12
CA VAL A 179 -1.48 -16.26 8.47
C VAL A 179 -0.31 -17.22 8.22
N CYS A 180 0.70 -16.82 7.44
CA CYS A 180 1.79 -17.73 7.11
C CYS A 180 3.03 -17.52 7.97
N SER A 181 3.44 -18.57 8.67
CA SER A 181 4.66 -18.57 9.46
C SER A 181 5.79 -19.10 8.58
N PRO A 182 7.04 -18.73 8.91
CA PRO A 182 8.20 -19.23 8.15
C PRO A 182 8.15 -20.76 8.02
N GLY A 183 8.28 -21.27 6.80
CA GLY A 183 8.26 -22.72 6.59
C GLY A 183 6.88 -23.28 6.26
N ASP A 184 5.84 -22.49 6.51
CA ASP A 184 4.48 -22.87 6.11
C ASP A 184 4.46 -23.04 4.62
N GLU A 185 3.64 -23.98 4.15
CA GLU A 185 3.51 -24.24 2.73
C GLU A 185 2.26 -23.58 2.18
N VAL A 186 2.43 -22.87 1.09
CA VAL A 186 1.32 -22.21 0.42
C VAL A 186 1.08 -22.93 -0.88
N ILE A 187 -0.09 -23.53 -1.00
CA ILE A 187 -0.41 -24.36 -2.14
C ILE A 187 -1.08 -23.55 -3.24
N ILE A 188 -0.45 -23.56 -4.40
CA ILE A 188 -0.85 -22.70 -5.51
C ILE A 188 -1.01 -23.46 -6.81
N PRO A 189 -2.25 -23.62 -7.27
CA PRO A 189 -2.52 -24.26 -8.56
C PRO A 189 -1.91 -23.46 -9.70
N ALA A 190 -1.20 -24.12 -10.60
CA ALA A 190 -0.71 -23.48 -11.82
C ALA A 190 -1.67 -23.77 -12.97
N PRO A 191 -1.83 -22.83 -13.91
CA PRO A 191 -1.21 -21.51 -13.98
C PRO A 191 -1.76 -20.56 -12.91
N TYR A 192 -0.89 -19.74 -12.34
CA TYR A 192 -1.31 -18.88 -11.24
C TYR A 192 -1.07 -17.42 -11.61
N TRP A 193 -1.82 -16.52 -10.99
CA TRP A 193 -1.53 -15.10 -11.09
C TRP A 193 -0.10 -14.86 -10.59
N VAL A 194 0.67 -14.09 -11.34
CA VAL A 194 2.11 -13.98 -11.15
C VAL A 194 2.56 -13.61 -9.72
N SER A 195 1.76 -12.90 -8.96
CA SER A 195 2.25 -12.44 -7.66
C SER A 195 2.09 -13.42 -6.50
N TYR A 196 1.28 -14.48 -6.66
CA TYR A 196 1.03 -15.37 -5.54
C TYR A 196 2.29 -16.01 -4.95
N THR A 197 3.19 -16.49 -5.80
CA THR A 197 4.40 -17.16 -5.34
C THR A 197 5.34 -16.19 -4.62
N GLU A 198 5.37 -14.95 -5.07
CA GLU A 198 6.30 -13.99 -4.53
C GLU A 198 5.79 -13.45 -3.20
N GLN A 199 4.47 -13.27 -3.10
CA GLN A 199 3.90 -12.82 -1.84
C GLN A 199 4.13 -13.87 -0.77
N ALA A 200 4.04 -15.15 -1.17
CA ALA A 200 4.31 -16.25 -0.25
C ALA A 200 5.76 -16.21 0.24
N ARG A 201 6.70 -15.92 -0.65
CA ARG A 201 8.11 -15.80 -0.26
C ARG A 201 8.37 -14.59 0.61
N LEU A 202 7.57 -13.55 0.47
CA LEU A 202 7.75 -12.38 1.32
C LEU A 202 7.41 -12.70 2.76
N ALA A 203 6.63 -13.77 2.95
CA ALA A 203 6.19 -14.19 4.27
C ALA A 203 7.11 -15.24 4.89
N ASP A 204 8.21 -15.54 4.20
CA ASP A 204 9.09 -16.68 4.50
C ASP A 204 8.38 -18.02 4.33
N ALA A 205 7.34 -18.06 3.51
CA ALA A 205 6.63 -19.29 3.28
C ALA A 205 7.12 -19.97 2.03
N THR A 206 6.69 -21.22 1.83
CA THR A 206 7.14 -22.06 0.75
C THR A 206 6.04 -22.34 -0.26
N PRO A 207 6.16 -21.80 -1.47
CA PRO A 207 5.15 -22.08 -2.52
C PRO A 207 5.19 -23.55 -2.95
N VAL A 208 4.01 -24.17 -3.02
CA VAL A 208 3.90 -25.54 -3.51
C VAL A 208 2.98 -25.48 -4.71
N VAL A 209 3.55 -25.52 -5.90
CA VAL A 209 2.76 -25.34 -7.11
C VAL A 209 2.18 -26.67 -7.62
N ILE A 210 0.89 -26.66 -7.92
CA ILE A 210 0.26 -27.85 -8.47
C ILE A 210 -0.15 -27.57 -9.89
N PRO A 211 0.55 -28.20 -10.85
CA PRO A 211 0.27 -28.01 -12.28
C PRO A 211 -1.14 -28.50 -12.64
N THR A 212 -1.76 -27.85 -13.62
CA THR A 212 -3.06 -28.29 -14.12
C THR A 212 -2.95 -28.43 -15.63
N LYS A 213 -3.98 -28.96 -16.26
CA LYS A 213 -3.89 -29.35 -17.66
C LYS A 213 -4.90 -28.60 -18.47
N ILE A 214 -4.50 -28.14 -19.65
CA ILE A 214 -5.42 -27.42 -20.52
C ILE A 214 -6.59 -28.32 -20.90
N SER A 215 -6.35 -29.63 -20.91
CA SER A 215 -7.40 -30.58 -21.23
C SER A 215 -8.44 -30.64 -20.12
N ASN A 216 -8.04 -30.24 -18.92
CA ASN A 216 -8.94 -30.17 -17.76
C ASN A 216 -9.34 -28.71 -17.44
N ASN A 217 -9.31 -27.88 -18.49
CA ASN A 217 -9.59 -26.45 -18.35
C ASN A 217 -8.80 -25.80 -17.23
N PHE A 218 -7.54 -26.23 -17.05
CA PHE A 218 -6.65 -25.69 -16.03
C PHE A 218 -7.27 -25.64 -14.63
N LEU A 219 -8.17 -26.55 -14.32
CA LEU A 219 -8.76 -26.63 -12.99
C LEU A 219 -8.00 -27.62 -12.10
N LEU A 220 -7.87 -27.29 -10.82
CA LEU A 220 -7.20 -28.17 -9.86
C LEU A 220 -7.87 -29.56 -9.74
N ASP A 221 -7.07 -30.63 -9.89
CA ASP A 221 -7.53 -32.00 -9.65
C ASP A 221 -7.34 -32.30 -8.15
N PRO A 222 -8.44 -32.62 -7.44
CA PRO A 222 -8.40 -32.80 -5.98
C PRO A 222 -7.45 -33.91 -5.55
N LYS A 223 -7.23 -34.90 -6.42
CA LYS A 223 -6.30 -35.98 -6.15
C LYS A 223 -4.89 -35.45 -6.06
N ASP A 224 -4.57 -34.48 -6.91
CA ASP A 224 -3.24 -33.86 -6.86
C ASP A 224 -3.10 -33.04 -5.58
N LEU A 225 -4.19 -32.43 -5.13
CA LEU A 225 -4.16 -31.70 -3.86
C LEU A 225 -3.81 -32.64 -2.72
N GLU A 226 -4.56 -33.74 -2.61
CA GLU A 226 -4.29 -34.78 -1.61
C GLU A 226 -2.83 -35.23 -1.60
N SER A 227 -2.22 -35.29 -2.78
CA SER A 227 -0.88 -35.84 -2.91
C SER A 227 0.20 -34.84 -2.51
N LYS A 228 -0.17 -33.57 -2.36
CA LYS A 228 0.80 -32.52 -2.05
C LYS A 228 0.70 -32.00 -0.61
N LEU A 229 -0.35 -32.41 0.09
CA LEU A 229 -0.54 -32.01 1.50
C LEU A 229 0.55 -32.56 2.37
N THR A 230 1.07 -31.71 3.27
CA THR A 230 2.01 -32.14 4.31
C THR A 230 1.57 -31.52 5.62
N GLU A 231 2.31 -31.79 6.68
CA GLU A 231 2.06 -31.12 7.97
C GLU A 231 2.28 -29.61 7.83
N LYS A 232 3.19 -29.22 6.94
CA LYS A 232 3.50 -27.79 6.76
C LYS A 232 2.47 -27.01 5.93
N SER A 233 1.51 -27.70 5.32
CA SER A 233 0.47 -27.07 4.50
C SER A 233 -0.37 -26.11 5.31
N ARG A 234 -0.48 -24.89 4.83
CA ARG A 234 -1.08 -23.83 5.61
C ARG A 234 -2.12 -23.04 4.82
N LEU A 235 -1.83 -22.77 3.56
CA LEU A 235 -2.70 -21.92 2.78
C LEU A 235 -2.84 -22.40 1.34
N LEU A 236 -4.09 -22.54 0.91
CA LEU A 236 -4.41 -22.81 -0.47
C LEU A 236 -5.02 -21.56 -1.11
N ILE A 237 -4.46 -21.15 -2.24
CA ILE A 237 -4.97 -20.01 -2.97
C ILE A 237 -5.81 -20.46 -4.17
N LEU A 238 -7.06 -20.05 -4.17
CA LEU A 238 -7.96 -20.30 -5.29
C LEU A 238 -8.33 -18.99 -5.96
N CYS A 239 -8.11 -18.92 -7.26
CA CYS A 239 -8.49 -17.74 -8.05
C CYS A 239 -9.57 -18.13 -9.05
N SER A 240 -10.79 -17.65 -8.83
CA SER A 240 -11.88 -17.97 -9.74
C SER A 240 -12.88 -16.82 -9.83
N PRO A 241 -13.19 -16.34 -11.06
CA PRO A 241 -12.65 -16.71 -12.37
C PRO A 241 -11.16 -16.41 -12.43
N SER A 242 -10.42 -17.26 -13.13
CA SER A 242 -8.98 -17.29 -13.00
C SER A 242 -8.24 -16.27 -13.85
N ASN A 243 -7.18 -15.73 -13.28
CA ASN A 243 -6.14 -15.01 -14.02
C ASN A 243 -4.94 -15.95 -13.91
N PRO A 244 -4.40 -16.43 -15.03
CA PRO A 244 -4.53 -16.08 -16.45
C PRO A 244 -5.47 -16.91 -17.32
N THR A 245 -6.14 -17.92 -16.79
CA THR A 245 -6.74 -18.89 -17.69
C THR A 245 -8.18 -18.53 -18.08
N GLY A 246 -8.86 -17.83 -17.19
CA GLY A 246 -10.27 -17.56 -17.37
C GLY A 246 -11.15 -18.72 -16.99
N SER A 247 -10.61 -19.68 -16.24
CA SER A 247 -11.41 -20.82 -15.78
C SER A 247 -12.29 -20.45 -14.60
N VAL A 248 -13.47 -21.07 -14.56
CA VAL A 248 -14.41 -20.90 -13.47
C VAL A 248 -14.59 -22.24 -12.78
N TYR A 249 -14.31 -22.27 -11.49
CA TYR A 249 -14.51 -23.46 -10.71
C TYR A 249 -15.99 -23.71 -10.54
N PRO A 250 -16.46 -24.90 -10.97
CA PRO A 250 -17.83 -25.37 -10.74
C PRO A 250 -18.06 -25.59 -9.26
N LYS A 251 -19.31 -25.50 -8.81
CA LYS A 251 -19.60 -25.71 -7.38
C LYS A 251 -19.18 -27.12 -6.94
N SER A 252 -19.44 -28.11 -7.79
CA SER A 252 -19.15 -29.50 -7.48
C SER A 252 -17.68 -29.74 -7.11
N LEU A 253 -16.78 -29.22 -7.94
CA LEU A 253 -15.36 -29.32 -7.69
C LEU A 253 -14.95 -28.56 -6.43
N LEU A 254 -15.58 -27.40 -6.20
CA LEU A 254 -15.24 -26.64 -5.01
C LEU A 254 -15.67 -27.42 -3.77
N GLU A 255 -16.80 -28.12 -3.86
CA GLU A 255 -17.33 -28.88 -2.74
C GLU A 255 -16.40 -30.04 -2.39
N GLU A 256 -15.82 -30.66 -3.41
CA GLU A 256 -14.83 -31.71 -3.20
C GLU A 256 -13.56 -31.14 -2.53
N ILE A 257 -13.06 -30.02 -3.03
CA ILE A 257 -11.86 -29.38 -2.47
C ILE A 257 -12.11 -29.01 -1.00
N ALA A 258 -13.29 -28.48 -0.72
CA ALA A 258 -13.66 -28.09 0.63
C ALA A 258 -13.66 -29.27 1.58
N ARG A 259 -14.04 -30.44 1.08
CA ARG A 259 -14.07 -31.62 1.94
C ARG A 259 -12.64 -32.04 2.34
N ILE A 260 -11.69 -31.80 1.45
CA ILE A 260 -10.29 -32.00 1.80
C ILE A 260 -9.82 -30.97 2.83
N ILE A 261 -10.15 -29.70 2.62
CA ILE A 261 -9.75 -28.62 3.54
C ILE A 261 -10.25 -28.87 4.96
N ALA A 262 -11.48 -29.37 5.07
CA ALA A 262 -12.14 -29.58 6.37
C ALA A 262 -11.43 -30.60 7.25
N LYS A 263 -10.79 -31.58 6.62
CA LYS A 263 -10.08 -32.64 7.34
C LYS A 263 -8.71 -32.22 7.89
N HIS A 264 -8.27 -31.01 7.56
CA HIS A 264 -6.98 -30.51 8.03
C HIS A 264 -7.11 -29.16 8.74
N PRO A 265 -7.11 -29.20 10.09
CA PRO A 265 -7.38 -28.07 11.01
C PRO A 265 -6.56 -26.81 10.77
N ARG A 266 -5.33 -26.93 10.28
CA ARG A 266 -4.47 -25.78 10.07
C ARG A 266 -4.66 -25.09 8.71
N LEU A 267 -5.44 -25.70 7.84
CA LEU A 267 -5.51 -25.27 6.45
C LEU A 267 -6.55 -24.17 6.18
N LEU A 268 -6.07 -23.03 5.71
CA LEU A 268 -6.91 -21.92 5.31
C LEU A 268 -6.98 -21.82 3.80
N VAL A 269 -7.98 -21.12 3.30
CA VAL A 269 -8.15 -20.88 1.87
C VAL A 269 -8.20 -19.37 1.59
N LEU A 270 -7.38 -18.92 0.66
CA LEU A 270 -7.43 -17.56 0.16
C LEU A 270 -8.17 -17.57 -1.17
N SER A 271 -9.36 -16.98 -1.17
CA SER A 271 -10.22 -17.02 -2.33
C SER A 271 -10.26 -15.67 -3.03
N ASP A 272 -9.56 -15.56 -4.16
CA ASP A 272 -9.45 -14.33 -4.92
C ASP A 272 -10.58 -14.23 -5.93
N GLU A 273 -11.51 -13.32 -5.69
CA GLU A 273 -12.74 -13.30 -6.48
C GLU A 273 -12.95 -11.96 -7.20
N ILE A 274 -11.84 -11.31 -7.54
CA ILE A 274 -11.87 -9.98 -8.18
C ILE A 274 -12.55 -9.98 -9.56
N TYR A 275 -12.50 -11.10 -10.27
CA TYR A 275 -13.13 -11.17 -11.60
C TYR A 275 -14.55 -11.78 -11.56
N GLU A 276 -15.10 -11.86 -10.35
CA GLU A 276 -16.42 -12.43 -10.08
C GLU A 276 -17.52 -12.05 -11.08
N HIS A 277 -17.61 -10.76 -11.42
CA HIS A 277 -18.68 -10.27 -12.28
C HIS A 277 -18.34 -10.35 -13.75
N ILE A 278 -17.07 -10.57 -14.06
CA ILE A 278 -16.70 -10.86 -15.43
C ILE A 278 -16.86 -12.35 -15.65
N ILE A 279 -18.08 -12.78 -15.89
CA ILE A 279 -18.35 -14.19 -16.02
C ILE A 279 -19.36 -14.40 -17.15
N TYR A 280 -19.17 -15.44 -17.94
CA TYR A 280 -20.01 -15.62 -19.11
C TYR A 280 -20.98 -16.78 -18.96
N ALA A 281 -22.27 -16.49 -19.09
CA ALA A 281 -23.32 -17.51 -19.00
C ALA A 281 -23.02 -18.65 -19.98
N PRO A 282 -23.26 -19.90 -19.55
CA PRO A 282 -23.93 -20.31 -18.32
C PRO A 282 -23.03 -20.58 -17.11
N ALA A 283 -21.77 -20.15 -17.13
CA ALA A 283 -20.94 -20.23 -15.93
C ALA A 283 -21.51 -19.36 -14.81
N THR A 284 -21.37 -19.81 -13.56
CA THR A 284 -21.80 -19.03 -12.41
C THR A 284 -20.71 -19.06 -11.35
N HIS A 285 -20.66 -18.01 -10.54
CA HIS A 285 -19.62 -17.84 -9.54
C HIS A 285 -20.10 -18.35 -8.19
N THR A 286 -19.24 -19.10 -7.53
CA THR A 286 -19.54 -19.65 -6.21
C THR A 286 -18.47 -19.22 -5.24
N SER A 287 -18.83 -18.43 -4.23
CA SER A 287 -17.87 -18.01 -3.21
C SER A 287 -17.46 -19.20 -2.35
N PHE A 288 -16.17 -19.41 -2.19
CA PHE A 288 -15.68 -20.59 -1.50
C PHE A 288 -16.14 -20.56 -0.04
N ALA A 289 -16.24 -19.36 0.50
CA ALA A 289 -16.66 -19.18 1.88
C ALA A 289 -18.11 -19.62 2.12
N SER A 290 -18.88 -19.85 1.05
CA SER A 290 -20.29 -20.28 1.21
C SER A 290 -20.46 -21.79 1.37
N LEU A 291 -19.40 -22.55 1.09
CA LEU A 291 -19.46 -24.01 1.19
C LEU A 291 -19.48 -24.48 2.64
N PRO A 292 -19.96 -25.71 2.88
CA PRO A 292 -20.02 -26.28 4.24
C PRO A 292 -18.69 -26.24 4.97
N ASP A 293 -18.70 -25.72 6.20
CA ASP A 293 -17.52 -25.66 7.07
C ASP A 293 -16.41 -24.69 6.60
N MET A 294 -16.62 -23.98 5.49
CA MET A 294 -15.54 -23.18 4.92
C MET A 294 -15.51 -21.72 5.42
N TYR A 295 -16.62 -21.21 5.96
CA TYR A 295 -16.66 -19.82 6.41
C TYR A 295 -15.50 -19.48 7.35
N GLU A 296 -15.30 -20.26 8.41
CA GLU A 296 -14.25 -19.99 9.39
C GLU A 296 -12.82 -20.16 8.83
N ARG A 297 -12.71 -20.62 7.59
CA ARG A 297 -11.42 -21.03 7.00
C ARG A 297 -10.99 -20.15 5.85
N THR A 298 -11.87 -19.28 5.41
CA THR A 298 -11.71 -18.61 4.12
C THR A 298 -11.53 -17.12 4.25
N LEU A 299 -10.45 -16.63 3.64
CA LEU A 299 -10.25 -15.20 3.43
C LEU A 299 -10.68 -14.87 2.01
N THR A 300 -11.64 -13.96 1.89
CA THR A 300 -12.19 -13.61 0.61
C THR A 300 -11.70 -12.24 0.15
N VAL A 301 -11.01 -12.20 -0.98
CA VAL A 301 -10.48 -10.94 -1.49
C VAL A 301 -11.24 -10.53 -2.76
N ASN A 302 -11.69 -9.29 -2.77
CA ASN A 302 -12.41 -8.78 -3.92
C ASN A 302 -11.97 -7.34 -4.11
N GLY A 303 -12.52 -6.67 -5.10
CA GLY A 303 -12.15 -5.28 -5.36
C GLY A 303 -12.97 -4.65 -6.46
N PHE A 304 -12.47 -3.53 -7.00
CA PHE A 304 -13.26 -2.73 -7.92
C PHE A 304 -12.61 -2.61 -9.29
N SER A 305 -11.31 -2.88 -9.37
CA SER A 305 -10.53 -2.70 -10.60
C SER A 305 -11.17 -3.25 -11.86
N ALA A 306 -11.47 -4.54 -11.86
CA ALA A 306 -11.91 -5.22 -13.06
C ALA A 306 -13.38 -4.97 -13.39
N ALA A 307 -14.26 -5.24 -12.43
CA ALA A 307 -15.71 -5.11 -12.64
C ALA A 307 -16.12 -3.69 -13.01
N PHE A 308 -15.54 -2.72 -12.33
CA PHE A 308 -15.99 -1.34 -12.51
C PHE A 308 -15.00 -0.43 -13.23
N ALA A 309 -13.98 -1.02 -13.85
CA ALA A 309 -12.97 -0.24 -14.57
C ALA A 309 -12.40 0.87 -13.67
N MET A 310 -11.92 0.47 -12.51
CA MET A 310 -11.41 1.42 -11.54
C MET A 310 -9.95 1.16 -11.21
N THR A 311 -9.18 0.69 -12.20
CA THR A 311 -7.82 0.23 -11.94
C THR A 311 -6.94 1.31 -11.30
N GLY A 312 -7.04 2.53 -11.82
CA GLY A 312 -6.25 3.65 -11.32
C GLY A 312 -6.67 4.23 -9.99
N TRP A 313 -7.84 3.83 -9.49
CA TRP A 313 -8.35 4.34 -8.22
C TRP A 313 -7.70 3.67 -7.01
N ARG A 314 -7.24 2.43 -7.18
CA ARG A 314 -6.57 1.67 -6.11
C ARG A 314 -7.52 1.39 -4.92
N LEU A 315 -8.39 0.39 -5.08
CA LEU A 315 -9.36 0.03 -4.05
C LEU A 315 -9.70 -1.47 -4.08
N GLY A 316 -9.43 -2.16 -2.97
CA GLY A 316 -9.79 -3.56 -2.85
C GLY A 316 -10.16 -3.91 -1.41
N TYR A 317 -10.60 -5.13 -1.15
CA TYR A 317 -10.95 -5.46 0.23
C TYR A 317 -10.83 -6.94 0.55
N LEU A 318 -10.67 -7.20 1.85
CA LEU A 318 -10.65 -8.53 2.40
C LEU A 318 -11.86 -8.73 3.30
N ALA A 319 -12.49 -9.89 3.21
CA ALA A 319 -13.47 -10.31 4.20
C ALA A 319 -13.09 -11.69 4.72
N GLY A 320 -13.20 -11.91 6.03
CA GLY A 320 -12.89 -13.19 6.63
C GLY A 320 -13.14 -13.23 8.12
N PRO A 321 -12.63 -14.26 8.80
CA PRO A 321 -12.82 -14.39 10.25
C PRO A 321 -12.30 -13.16 10.97
N LYS A 322 -12.99 -12.78 12.05
CA LYS A 322 -12.63 -11.59 12.81
C LYS A 322 -11.18 -11.56 13.26
N HIS A 323 -10.67 -12.68 13.81
CA HIS A 323 -9.31 -12.65 14.36
C HIS A 323 -8.25 -12.46 13.28
N ILE A 324 -8.51 -12.94 12.08
CA ILE A 324 -7.57 -12.80 10.99
C ILE A 324 -7.65 -11.39 10.38
N VAL A 325 -8.87 -10.89 10.25
CA VAL A 325 -9.05 -9.54 9.69
C VAL A 325 -8.47 -8.50 10.64
N ALA A 326 -8.63 -8.72 11.94
CA ALA A 326 -8.06 -7.80 12.94
C ALA A 326 -6.53 -7.81 12.87
N ALA A 327 -5.91 -8.97 12.63
CA ALA A 327 -4.46 -9.01 12.48
C ALA A 327 -4.02 -8.31 11.18
N CYS A 328 -4.76 -8.51 10.10
CA CYS A 328 -4.45 -7.80 8.87
C CYS A 328 -4.56 -6.30 9.03
N SER A 329 -5.63 -5.86 9.69
CA SER A 329 -5.86 -4.43 9.97
C SER A 329 -4.69 -3.84 10.76
N LYS A 330 -4.24 -4.57 11.76
CA LYS A 330 -3.12 -4.16 12.60
C LYS A 330 -1.86 -3.99 11.76
N LEU A 331 -1.63 -4.97 10.89
CA LEU A 331 -0.54 -4.92 9.93
C LEU A 331 -0.70 -3.76 8.95
N GLN A 332 -1.92 -3.57 8.47
CA GLN A 332 -2.17 -2.45 7.56
C GLN A 332 -1.91 -1.14 8.29
N GLY A 333 -2.23 -1.06 9.58
CA GLY A 333 -1.94 0.15 10.32
C GLY A 333 -0.47 0.55 10.38
N GLN A 334 0.42 -0.38 10.11
CA GLN A 334 1.86 -0.11 10.13
C GLN A 334 2.42 -0.09 8.71
N VAL A 335 1.67 -0.42 7.72
CA VAL A 335 2.22 -0.36 6.42
C VAL A 335 1.59 0.66 5.49
N SER A 336 0.41 1.17 5.88
CA SER A 336 -0.29 2.16 5.07
C SER A 336 -1.44 2.62 5.97
N SER A 337 -2.09 3.70 5.57
CA SER A 337 -3.20 4.24 6.33
C SER A 337 -4.39 3.68 5.55
N GLY A 338 -5.59 4.05 5.96
CA GLY A 338 -6.80 3.58 5.31
C GLY A 338 -6.98 4.12 3.90
N ALA A 339 -6.99 3.23 2.92
CA ALA A 339 -7.15 3.62 1.52
C ALA A 339 -7.61 5.06 1.21
N SER A 340 -7.45 5.52 -0.02
CA SER A 340 -7.80 6.89 -0.36
C SER A 340 -9.25 7.23 0.02
N SER A 341 -9.44 8.39 0.64
CA SER A 341 -10.77 8.83 1.01
C SER A 341 -11.64 9.01 -0.23
N ILE A 342 -11.04 9.51 -1.30
CA ILE A 342 -11.76 9.76 -2.54
C ILE A 342 -12.18 8.44 -3.19
N ALA A 343 -11.28 7.47 -3.25
CA ALA A 343 -11.61 6.18 -3.86
C ALA A 343 -12.68 5.42 -3.09
N GLN A 344 -12.69 5.55 -1.76
CA GLN A 344 -13.70 4.87 -0.97
C GLN A 344 -15.11 5.41 -1.26
N LYS A 345 -15.25 6.70 -1.44
CA LYS A 345 -16.54 7.27 -1.83
C LYS A 345 -16.96 6.80 -3.21
N ALA A 346 -16.01 6.71 -4.13
CA ALA A 346 -16.32 6.24 -5.47
C ALA A 346 -16.74 4.78 -5.37
N GLY A 347 -16.12 4.06 -4.43
CA GLY A 347 -16.47 2.69 -4.14
C GLY A 347 -17.91 2.48 -3.67
N VAL A 348 -18.43 3.37 -2.84
CA VAL A 348 -19.82 3.16 -2.39
C VAL A 348 -20.77 3.52 -3.53
N ALA A 349 -20.37 4.41 -4.42
CA ALA A 349 -21.22 4.66 -5.59
C ALA A 349 -21.26 3.43 -6.50
N ALA A 350 -20.09 2.83 -6.73
CA ALA A 350 -19.97 1.60 -7.50
C ALA A 350 -20.88 0.49 -6.96
N LEU A 351 -20.88 0.29 -5.64
CA LEU A 351 -21.71 -0.73 -5.03
C LEU A 351 -23.19 -0.32 -5.08
N GLY A 352 -23.43 0.99 -5.13
CA GLY A 352 -24.78 1.52 -5.28
C GLY A 352 -25.42 1.21 -6.63
N LEU A 353 -24.61 0.76 -7.58
CA LEU A 353 -25.09 0.49 -8.94
C LEU A 353 -26.08 -0.67 -9.03
N GLY A 354 -26.24 -1.39 -7.93
CA GLY A 354 -27.20 -2.49 -7.89
C GLY A 354 -26.52 -3.85 -7.89
N LYS A 355 -27.33 -4.91 -7.90
CA LYS A 355 -26.80 -6.27 -7.88
C LYS A 355 -25.89 -6.54 -9.09
N ALA A 356 -24.66 -6.96 -8.81
CA ALA A 356 -23.68 -7.33 -9.82
C ALA A 356 -23.34 -6.15 -10.74
N GLY A 357 -23.45 -4.95 -10.19
CA GLY A 357 -23.12 -3.75 -10.92
C GLY A 357 -24.18 -3.32 -11.90
N GLY A 358 -25.30 -4.03 -11.93
CA GLY A 358 -26.44 -3.61 -12.73
C GLY A 358 -26.17 -3.60 -14.22
N GLU A 359 -26.87 -2.74 -14.95
CA GLU A 359 -26.76 -2.77 -16.40
C GLU A 359 -25.47 -2.08 -16.82
N THR A 360 -24.84 -1.36 -15.90
CA THR A 360 -23.57 -0.72 -16.21
C THR A 360 -22.51 -1.78 -16.49
N VAL A 361 -22.45 -2.77 -15.61
CA VAL A 361 -21.50 -3.87 -15.70
C VAL A 361 -21.93 -4.89 -16.76
N ALA A 362 -23.25 -5.12 -16.89
CA ALA A 362 -23.76 -6.01 -17.92
C ALA A 362 -23.32 -5.56 -19.31
N GLU A 363 -23.26 -4.25 -19.53
CA GLU A 363 -22.81 -3.73 -20.82
C GLU A 363 -21.33 -4.05 -21.03
N MET A 364 -20.52 -3.88 -20.00
CA MET A 364 -19.08 -4.20 -20.13
C MET A 364 -18.85 -5.70 -20.36
N VAL A 365 -19.59 -6.53 -19.64
CA VAL A 365 -19.48 -7.98 -19.80
C VAL A 365 -19.87 -8.43 -21.22
N LYS A 366 -20.93 -7.84 -21.77
CA LYS A 366 -21.34 -8.18 -23.14
C LYS A 366 -20.22 -7.90 -24.13
N ALA A 367 -19.55 -6.77 -23.93
CA ALA A 367 -18.42 -6.36 -24.75
C ALA A 367 -17.25 -7.33 -24.62
N TYR A 368 -16.95 -7.74 -23.39
CA TYR A 368 -15.85 -8.65 -23.15
C TYR A 368 -16.14 -10.01 -23.78
N ARG A 369 -17.39 -10.46 -23.65
CA ARG A 369 -17.82 -11.72 -24.23
C ARG A 369 -17.64 -11.73 -25.75
N GLU A 370 -17.93 -10.59 -26.40
CA GLU A 370 -17.77 -10.46 -27.84
C GLU A 370 -16.30 -10.50 -28.24
N ARG A 371 -15.44 -9.88 -27.44
CA ARG A 371 -14.01 -9.88 -27.71
C ARG A 371 -13.47 -11.28 -27.49
N ARG A 372 -14.00 -11.96 -26.48
CA ARG A 372 -13.62 -13.34 -26.20
C ARG A 372 -13.89 -14.22 -27.40
N ASP A 373 -15.11 -14.15 -27.90
CA ASP A 373 -15.51 -14.96 -29.04
C ASP A 373 -14.68 -14.66 -30.29
N PHE A 374 -14.34 -13.39 -30.49
CA PHE A 374 -13.54 -13.01 -31.65
C PHE A 374 -12.17 -13.68 -31.58
N LEU A 375 -11.59 -13.70 -30.39
CA LEU A 375 -10.24 -14.24 -30.22
C LEU A 375 -10.19 -15.76 -30.32
N VAL A 376 -11.15 -16.44 -29.71
CA VAL A 376 -11.20 -17.89 -29.70
C VAL A 376 -11.35 -18.41 -31.12
N LYS A 377 -12.20 -17.73 -31.89
CA LYS A 377 -12.41 -18.05 -33.30
C LYS A 377 -11.14 -17.78 -34.12
N SER A 378 -10.59 -16.58 -33.98
CA SER A 378 -9.44 -16.13 -34.76
C SER A 378 -8.21 -17.00 -34.56
N LEU A 379 -7.76 -17.09 -33.32
CA LEU A 379 -6.51 -17.74 -32.99
C LEU A 379 -6.67 -19.24 -32.96
N GLY A 380 -7.87 -19.68 -32.58
CA GLY A 380 -8.17 -21.10 -32.55
C GLY A 380 -7.93 -21.77 -33.89
N ASP A 381 -8.27 -21.07 -34.97
CA ASP A 381 -8.16 -21.63 -36.32
C ASP A 381 -6.70 -21.81 -36.74
N ILE A 382 -5.81 -21.08 -36.10
CA ILE A 382 -4.39 -21.15 -36.42
C ILE A 382 -3.78 -22.53 -36.11
N LYS A 383 -3.05 -23.07 -37.08
CA LYS A 383 -2.36 -24.35 -36.98
C LYS A 383 -1.58 -24.57 -35.67
N GLY A 384 -1.92 -25.64 -34.95
CA GLY A 384 -1.19 -26.01 -33.75
C GLY A 384 -1.68 -25.38 -32.45
N VAL A 385 -2.34 -24.23 -32.56
CA VAL A 385 -2.79 -23.46 -31.40
C VAL A 385 -3.88 -24.15 -30.58
N LYS A 386 -3.64 -24.32 -29.29
CA LYS A 386 -4.60 -24.93 -28.37
C LYS A 386 -5.22 -23.89 -27.41
N ILE A 387 -6.56 -23.89 -27.33
CA ILE A 387 -7.26 -22.91 -26.52
C ILE A 387 -8.25 -23.53 -25.54
N SER A 388 -8.22 -23.03 -24.30
CA SER A 388 -9.29 -23.28 -23.34
C SER A 388 -10.21 -22.06 -23.35
N GLU A 389 -11.42 -22.23 -23.88
CA GLU A 389 -12.39 -21.14 -23.94
C GLU A 389 -12.71 -20.66 -22.54
N PRO A 390 -12.38 -19.40 -22.25
CA PRO A 390 -12.56 -18.91 -20.89
C PRO A 390 -14.04 -18.75 -20.51
N GLN A 391 -14.30 -18.91 -19.22
CA GLN A 391 -15.64 -18.80 -18.68
C GLN A 391 -15.79 -17.51 -17.89
N GLY A 392 -14.67 -16.82 -17.65
CA GLY A 392 -14.69 -15.57 -16.92
C GLY A 392 -13.38 -14.80 -17.09
N ALA A 393 -13.27 -13.65 -16.42
CA ALA A 393 -12.07 -12.84 -16.50
C ALA A 393 -11.89 -12.29 -17.91
N PHE A 394 -10.77 -11.59 -18.13
CA PHE A 394 -10.48 -11.02 -19.44
C PHE A 394 -9.12 -11.48 -19.94
N TYR A 395 -8.87 -12.79 -19.85
CA TYR A 395 -7.61 -13.35 -20.30
C TYR A 395 -7.75 -14.65 -21.11
N LEU A 396 -6.98 -14.72 -22.18
CA LEU A 396 -6.77 -15.97 -22.90
C LEU A 396 -5.39 -16.49 -22.56
N PHE A 397 -5.32 -17.75 -22.13
CA PHE A 397 -4.03 -18.39 -21.90
C PHE A 397 -3.75 -19.34 -23.05
N ILE A 398 -3.03 -18.85 -24.04
CA ILE A 398 -2.90 -19.53 -25.33
C ILE A 398 -1.68 -20.42 -25.46
N ASP A 399 -1.93 -21.70 -25.76
CA ASP A 399 -0.87 -22.69 -25.97
C ASP A 399 -0.28 -22.58 -27.38
N PHE A 400 0.89 -21.95 -27.51
CA PHE A 400 1.61 -21.93 -28.78
C PHE A 400 2.78 -22.90 -28.74
N SER A 401 2.78 -23.83 -27.79
CA SER A 401 3.99 -24.61 -27.49
C SER A 401 4.37 -25.55 -28.65
N ALA A 402 3.42 -25.81 -29.53
CA ALA A 402 3.69 -26.61 -30.72
C ALA A 402 4.66 -25.90 -31.65
N TYR A 403 4.86 -24.59 -31.43
CA TYR A 403 5.78 -23.85 -32.27
C TYR A 403 7.18 -23.82 -31.68
N TYR A 404 7.33 -24.35 -30.48
CA TYR A 404 8.64 -24.34 -29.84
C TYR A 404 9.60 -25.23 -30.62
N GLY A 405 10.82 -24.73 -30.81
CA GLY A 405 11.81 -25.42 -31.62
C GLY A 405 11.99 -24.73 -32.95
N SER A 406 10.96 -24.00 -33.37
CA SER A 406 11.02 -23.22 -34.61
C SER A 406 12.18 -22.22 -34.61
N GLU A 407 12.68 -21.95 -35.80
CA GLU A 407 13.73 -20.97 -36.03
C GLU A 407 13.19 -19.79 -36.84
N ALA A 408 13.09 -18.62 -36.20
CA ALA A 408 12.53 -17.46 -36.87
C ALA A 408 13.63 -16.55 -37.41
N GLU A 409 13.58 -16.29 -38.73
CA GLU A 409 14.61 -15.51 -39.39
C GLU A 409 14.61 -14.06 -38.94
N GLY A 410 15.80 -13.53 -38.71
CA GLY A 410 15.95 -12.19 -38.15
C GLY A 410 15.86 -12.17 -36.62
N PHE A 411 15.46 -13.28 -36.02
CA PHE A 411 15.27 -13.34 -34.58
C PHE A 411 16.12 -14.42 -33.91
N GLY A 412 15.91 -15.67 -34.34
CA GLY A 412 16.63 -16.79 -33.76
C GLY A 412 15.68 -17.84 -33.23
N LEU A 413 16.17 -18.67 -32.31
CA LEU A 413 15.38 -19.79 -31.79
C LEU A 413 14.23 -19.34 -30.89
N ILE A 414 13.05 -19.88 -31.17
CA ILE A 414 11.91 -19.76 -30.29
C ILE A 414 11.68 -21.11 -29.60
N ASN A 415 12.05 -21.21 -28.34
CA ASN A 415 12.00 -22.49 -27.63
C ASN A 415 11.25 -22.47 -26.31
N ASP A 416 10.77 -21.30 -25.91
CA ASP A 416 9.96 -21.17 -24.70
C ASP A 416 9.08 -19.93 -24.78
N SER A 417 8.27 -19.71 -23.74
CA SER A 417 7.28 -18.64 -23.81
C SER A 417 7.95 -17.29 -23.79
N SER A 418 9.05 -17.18 -23.05
CA SER A 418 9.81 -15.94 -22.96
C SER A 418 10.32 -15.47 -24.32
N SER A 419 10.93 -16.36 -25.08
CA SER A 419 11.47 -15.99 -26.38
C SER A 419 10.35 -15.78 -27.39
N LEU A 420 9.23 -16.48 -27.20
CA LEU A 420 8.10 -16.30 -28.10
C LEU A 420 7.48 -14.92 -27.88
N ALA A 421 7.23 -14.58 -26.62
CA ALA A 421 6.71 -13.24 -26.27
C ALA A 421 7.66 -12.14 -26.74
N LEU A 422 8.97 -12.41 -26.65
CA LEU A 422 9.95 -11.42 -27.05
C LEU A 422 9.95 -11.23 -28.58
N TYR A 423 9.76 -12.33 -29.29
CA TYR A 423 9.61 -12.31 -30.74
C TYR A 423 8.38 -11.52 -31.14
N PHE A 424 7.24 -11.82 -30.52
CA PHE A 424 6.00 -11.09 -30.80
C PHE A 424 6.23 -9.60 -30.56
N LEU A 425 6.93 -9.27 -29.48
CA LEU A 425 7.16 -7.88 -29.11
C LEU A 425 8.20 -7.17 -29.99
N ASP A 426 9.37 -7.78 -30.18
CA ASP A 426 10.45 -7.13 -30.95
C ASP A 426 10.22 -7.06 -32.46
N LYS A 427 9.54 -8.04 -33.03
CA LYS A 427 9.40 -8.08 -34.48
C LYS A 427 8.03 -7.63 -34.97
N PHE A 428 7.01 -7.73 -34.11
CA PHE A 428 5.65 -7.42 -34.52
C PHE A 428 4.94 -6.44 -33.59
N GLN A 429 5.66 -5.96 -32.58
CA GLN A 429 5.18 -4.89 -31.70
C GLN A 429 3.87 -5.24 -31.00
N VAL A 430 3.72 -6.50 -30.64
CA VAL A 430 2.61 -6.92 -29.81
C VAL A 430 3.16 -7.36 -28.46
N ALA A 431 2.67 -6.74 -27.38
CA ALA A 431 3.13 -7.04 -26.03
C ALA A 431 2.17 -7.96 -25.29
N MET A 432 2.65 -9.16 -24.99
CA MET A 432 1.89 -10.08 -24.15
C MET A 432 2.77 -10.59 -23.01
N VAL A 433 2.20 -11.37 -22.10
CA VAL A 433 2.98 -11.92 -20.98
C VAL A 433 3.25 -13.43 -21.12
N PRO A 434 4.53 -13.82 -21.09
CA PRO A 434 4.90 -15.24 -21.25
C PRO A 434 4.36 -16.10 -20.11
N GLY A 435 3.87 -17.30 -20.45
CA GLY A 435 3.25 -18.17 -19.47
C GLY A 435 4.17 -18.57 -18.34
N ASP A 436 5.48 -18.48 -18.57
CA ASP A 436 6.44 -18.93 -17.57
C ASP A 436 6.28 -18.10 -16.28
N ALA A 437 5.90 -16.84 -16.41
CA ALA A 437 5.62 -16.00 -15.24
C ALA A 437 4.44 -16.52 -14.41
N PHE A 438 3.54 -17.27 -15.06
CA PHE A 438 2.36 -17.81 -14.40
C PHE A 438 2.53 -19.27 -14.01
N GLY A 439 3.75 -19.78 -14.19
CA GLY A 439 4.06 -21.15 -13.83
C GLY A 439 3.76 -22.18 -14.91
N ASP A 440 3.58 -21.73 -16.15
CA ASP A 440 3.29 -22.66 -17.24
C ASP A 440 3.83 -22.16 -18.56
N ASP A 441 4.97 -22.72 -18.96
CA ASP A 441 5.77 -22.23 -20.07
C ASP A 441 5.19 -22.54 -21.45
N SER A 442 4.17 -23.38 -21.48
CA SER A 442 3.59 -23.80 -22.75
C SER A 442 2.63 -22.76 -23.34
N CYS A 443 2.34 -21.70 -22.58
CA CYS A 443 1.34 -20.72 -23.01
C CYS A 443 1.78 -19.25 -22.97
N ILE A 444 1.00 -18.40 -23.63
CA ILE A 444 1.15 -16.95 -23.58
C ILE A 444 -0.16 -16.33 -23.10
N ARG A 445 -0.11 -15.30 -22.26
CA ARG A 445 -1.35 -14.64 -21.85
C ARG A 445 -1.61 -13.38 -22.65
N ILE A 446 -2.79 -13.33 -23.25
CA ILE A 446 -3.34 -12.13 -23.87
C ILE A 446 -4.48 -11.54 -23.05
N SER A 447 -4.46 -10.25 -22.79
CA SER A 447 -5.62 -9.59 -22.20
C SER A 447 -6.57 -9.14 -23.30
N TYR A 448 -7.84 -9.48 -23.19
CA TYR A 448 -8.79 -8.89 -24.13
C TYR A 448 -9.70 -7.88 -23.42
N ALA A 449 -9.16 -7.19 -22.43
CA ALA A 449 -9.86 -6.09 -21.77
C ALA A 449 -9.87 -4.84 -22.64
N THR A 450 -8.95 -4.78 -23.59
CA THR A 450 -8.81 -3.61 -24.46
C THR A 450 -9.78 -3.70 -25.62
N SER A 451 -9.69 -2.75 -26.55
CA SER A 451 -10.70 -2.58 -27.58
C SER A 451 -10.68 -3.68 -28.66
N LEU A 452 -11.81 -3.87 -29.33
CA LEU A 452 -11.92 -4.88 -30.38
C LEU A 452 -11.00 -4.52 -31.55
N ASP A 453 -10.90 -3.22 -31.81
CA ASP A 453 -10.00 -2.67 -32.83
C ASP A 453 -8.54 -3.07 -32.62
N VAL A 454 -8.08 -2.87 -31.40
CA VAL A 454 -6.74 -3.28 -30.98
C VAL A 454 -6.59 -4.81 -31.09
N LEU A 455 -7.62 -5.55 -30.70
CA LEU A 455 -7.53 -7.02 -30.75
C LEU A 455 -7.50 -7.54 -32.20
N GLN A 456 -8.27 -6.91 -33.08
CA GLN A 456 -8.25 -7.29 -34.49
C GLN A 456 -6.85 -7.03 -35.09
N ALA A 457 -6.26 -5.88 -34.76
CA ALA A 457 -4.92 -5.57 -35.24
C ALA A 457 -3.91 -6.58 -34.72
N ALA A 458 -4.07 -6.99 -33.46
CA ALA A 458 -3.14 -7.93 -32.86
C ALA A 458 -3.22 -9.30 -33.53
N VAL A 459 -4.43 -9.73 -33.85
CA VAL A 459 -4.61 -11.04 -34.45
C VAL A 459 -3.97 -11.11 -35.83
N GLU A 460 -4.12 -10.04 -36.62
CA GLU A 460 -3.47 -9.99 -37.94
C GLU A 460 -1.95 -10.15 -37.81
N LYS A 461 -1.36 -9.44 -36.86
CA LYS A 461 0.08 -9.56 -36.60
C LYS A 461 0.52 -10.93 -36.06
N ILE A 462 -0.27 -11.50 -35.15
CA ILE A 462 0.05 -12.83 -34.62
C ILE A 462 0.05 -13.87 -35.76
N ARG A 463 -0.95 -13.79 -36.64
CA ARG A 463 -1.01 -14.66 -37.82
C ARG A 463 0.26 -14.53 -38.63
N LYS A 464 0.60 -13.32 -39.05
CA LYS A 464 1.85 -13.06 -39.77
C LYS A 464 3.05 -13.60 -39.03
N ALA A 465 3.09 -13.38 -37.73
CA ALA A 465 4.23 -13.79 -36.91
C ALA A 465 4.50 -15.30 -36.97
N LEU A 466 3.45 -16.09 -36.99
CA LEU A 466 3.54 -17.53 -37.02
C LEU A 466 3.59 -18.20 -38.40
N GLU A 467 3.28 -17.44 -39.44
CA GLU A 467 3.25 -17.95 -40.80
C GLU A 467 4.60 -18.50 -41.24
N PRO A 468 5.68 -17.96 -40.68
CA PRO A 468 7.04 -18.42 -41.00
C PRO A 468 7.47 -19.67 -40.22
N LEU A 469 6.93 -19.86 -39.03
CA LEU A 469 7.27 -21.02 -38.21
C LEU A 469 6.34 -22.18 -38.49
N ARG A 470 6.73 -23.37 -38.06
CA ARG A 470 5.92 -24.57 -38.28
C ARG A 470 5.46 -25.16 -36.95
N ALA A 471 4.29 -25.81 -36.98
CA ALA A 471 3.73 -26.43 -35.78
C ALA A 471 4.05 -27.91 -35.72
N THR A 472 4.57 -28.36 -34.59
CA THR A 472 4.92 -29.77 -34.41
C THR A 472 3.66 -30.62 -34.22
N VAL A 473 3.82 -31.93 -34.42
CA VAL A 473 2.71 -32.85 -34.28
C VAL A 473 3.15 -34.15 -33.61
N SER B 71 -2.22 -19.21 15.73
CA SER B 71 -2.76 -19.41 14.40
C SER B 71 -2.47 -18.22 13.50
N LEU B 72 -1.53 -17.39 13.93
CA LEU B 72 -1.07 -16.23 13.14
C LEU B 72 0.45 -16.27 13.01
N SER B 73 1.00 -15.59 12.01
CA SER B 73 2.46 -15.51 11.93
C SER B 73 3.02 -14.84 13.17
N PRO B 74 4.19 -15.31 13.63
CA PRO B 74 4.87 -14.68 14.78
C PRO B 74 5.11 -13.19 14.58
N ARG B 75 5.38 -12.75 13.35
CA ARG B 75 5.70 -11.34 13.16
C ARG B 75 4.44 -10.49 13.23
N VAL B 76 3.32 -11.00 12.76
CA VAL B 76 2.11 -10.21 12.85
C VAL B 76 1.50 -10.37 14.25
N GLN B 77 1.65 -11.54 14.84
CA GLN B 77 1.21 -11.75 16.22
C GLN B 77 1.80 -10.74 17.20
N SER B 78 3.11 -10.56 17.13
CA SER B 78 3.80 -9.69 18.08
C SER B 78 3.80 -8.22 17.65
N LEU B 79 3.34 -7.96 16.43
CA LEU B 79 3.35 -6.61 15.91
C LEU B 79 2.49 -5.71 16.79
N LYS B 80 3.06 -4.58 17.19
CA LYS B 80 2.35 -3.61 18.01
C LYS B 80 1.38 -2.82 17.13
N PRO B 81 0.13 -2.62 17.59
CA PRO B 81 -0.74 -1.75 16.80
C PRO B 81 -0.29 -0.29 16.88
N SER B 82 -0.45 0.47 15.81
CA SER B 82 -0.18 1.90 15.85
C SER B 82 -1.10 2.62 16.82
N LYS B 83 -0.56 3.11 17.93
CA LYS B 83 -1.39 3.73 18.96
C LYS B 83 -1.95 5.07 18.52
N THR B 84 -1.24 5.71 17.60
CA THR B 84 -1.80 6.91 16.99
C THR B 84 -3.07 6.52 16.24
N MET B 85 -2.99 5.48 15.42
CA MET B 85 -4.14 5.03 14.65
C MET B 85 -5.28 4.53 15.54
N VAL B 86 -4.93 3.83 16.62
CA VAL B 86 -5.96 3.25 17.51
C VAL B 86 -6.75 4.34 18.25
N ILE B 87 -6.05 5.28 18.85
CA ILE B 87 -6.70 6.36 19.59
C ILE B 87 -7.50 7.29 18.67
N THR B 88 -6.91 7.62 17.52
CA THR B 88 -7.60 8.44 16.53
C THR B 88 -8.92 7.80 16.09
N ASP B 89 -8.88 6.52 15.76
CA ASP B 89 -10.07 5.82 15.31
C ASP B 89 -11.07 5.73 16.46
N LEU B 90 -10.56 5.46 17.67
CA LEU B 90 -11.38 5.43 18.90
C LEU B 90 -12.17 6.72 19.10
N ALA B 91 -11.48 7.85 19.00
CA ALA B 91 -12.11 9.15 19.20
C ALA B 91 -13.20 9.41 18.16
N ALA B 92 -12.90 9.12 16.89
CA ALA B 92 -13.86 9.35 15.81
C ALA B 92 -15.13 8.53 16.03
N THR B 93 -14.97 7.29 16.46
CA THR B 93 -16.10 6.43 16.76
C THR B 93 -16.92 7.00 17.93
N LEU B 94 -16.25 7.46 18.98
CA LEU B 94 -16.94 8.04 20.12
C LEU B 94 -17.81 9.23 19.71
N VAL B 95 -17.28 10.07 18.84
CA VAL B 95 -17.99 11.25 18.38
C VAL B 95 -19.22 10.78 17.60
N GLN B 96 -19.08 9.65 16.90
CA GLN B 96 -20.17 9.06 16.13
C GLN B 96 -21.28 8.52 17.01
N SER B 97 -20.91 8.01 18.18
CA SER B 97 -21.91 7.50 19.11
C SER B 97 -22.61 8.64 19.85
N GLY B 98 -22.20 9.87 19.55
CA GLY B 98 -22.80 11.05 20.16
C GLY B 98 -22.08 11.52 21.40
N VAL B 99 -20.77 11.29 21.46
CA VAL B 99 -19.96 11.77 22.57
C VAL B 99 -18.86 12.69 22.05
N PRO B 100 -18.99 14.00 22.33
CA PRO B 100 -18.02 15.00 21.88
C PRO B 100 -16.65 14.81 22.52
N VAL B 101 -15.65 14.78 21.65
CA VAL B 101 -14.26 14.58 22.06
C VAL B 101 -13.44 15.63 21.37
N ILE B 102 -12.58 16.30 22.14
CA ILE B 102 -11.58 17.15 21.52
C ILE B 102 -10.47 16.25 20.97
N ARG B 103 -10.32 16.22 19.65
CA ARG B 103 -9.40 15.27 19.02
C ARG B 103 -8.03 15.84 18.69
N LEU B 104 -7.04 15.49 19.50
CA LEU B 104 -5.68 16.00 19.36
C LEU B 104 -4.68 14.88 19.05
N ALA B 105 -5.19 13.77 18.51
CA ALA B 105 -4.36 12.59 18.26
C ALA B 105 -3.68 12.64 16.89
N ALA B 106 -4.41 12.25 15.85
CA ALA B 106 -3.84 12.21 14.50
C ALA B 106 -3.31 13.56 14.07
N GLY B 107 -2.06 13.57 13.61
CA GLY B 107 -1.46 14.79 13.07
C GLY B 107 -2.00 15.08 11.69
N GLU B 108 -3.16 15.76 11.64
CA GLU B 108 -3.86 15.99 10.39
C GLU B 108 -4.28 17.45 10.21
N PRO B 109 -3.82 18.09 9.12
CA PRO B 109 -4.12 19.50 8.86
C PRO B 109 -5.61 19.79 8.78
N ASP B 110 -6.05 20.95 9.28
CA ASP B 110 -7.45 21.31 9.15
C ASP B 110 -7.68 22.09 7.84
N PHE B 111 -6.60 22.42 7.13
CA PHE B 111 -6.74 23.06 5.82
C PHE B 111 -7.36 22.10 4.80
N ASP B 112 -8.14 22.65 3.88
CA ASP B 112 -8.54 21.92 2.68
C ASP B 112 -7.34 21.61 1.82
N THR B 113 -7.44 20.57 1.00
CA THR B 113 -6.51 20.46 -0.12
C THR B 113 -6.57 21.77 -0.92
N PRO B 114 -5.39 22.36 -1.27
CA PRO B 114 -5.39 23.61 -2.03
C PRO B 114 -6.22 23.52 -3.29
N LYS B 115 -6.82 24.64 -3.66
CA LYS B 115 -7.73 24.72 -4.79
C LYS B 115 -7.15 24.21 -6.09
N VAL B 116 -5.93 24.62 -6.46
CA VAL B 116 -5.42 24.17 -7.76
C VAL B 116 -5.11 22.67 -7.71
N VAL B 117 -4.78 22.16 -6.52
CA VAL B 117 -4.45 20.76 -6.32
C VAL B 117 -5.72 19.91 -6.44
N ALA B 118 -6.78 20.35 -5.78
CA ALA B 118 -8.06 19.66 -5.85
C ALA B 118 -8.60 19.66 -7.28
N GLU B 119 -8.51 20.80 -7.96
CA GLU B 119 -8.99 20.90 -9.34
C GLU B 119 -8.22 19.95 -10.27
N ALA B 120 -6.93 19.77 -10.01
CA ALA B 120 -6.15 18.82 -10.80
C ALA B 120 -6.66 17.39 -10.62
N GLY B 121 -7.06 17.04 -9.40
CA GLY B 121 -7.61 15.72 -9.14
C GLY B 121 -8.96 15.55 -9.80
N ILE B 122 -9.78 16.59 -9.73
CA ILE B 122 -11.06 16.58 -10.43
C ILE B 122 -10.84 16.47 -11.93
N ASN B 123 -9.87 17.19 -12.47
CA ASN B 123 -9.64 17.16 -13.92
C ASN B 123 -9.16 15.81 -14.38
N ALA B 124 -8.35 15.16 -13.53
CA ALA B 124 -7.85 13.83 -13.78
C ALA B 124 -9.00 12.82 -13.95
N ILE B 125 -10.02 12.98 -13.11
CA ILE B 125 -11.15 12.06 -13.16
C ILE B 125 -12.00 12.35 -14.40
N ARG B 126 -12.31 13.62 -14.60
CA ARG B 126 -13.11 14.02 -15.76
C ARG B 126 -12.46 13.62 -17.07
N GLU B 127 -11.12 13.69 -17.13
CA GLU B 127 -10.39 13.42 -18.36
C GLU B 127 -10.03 11.95 -18.55
N GLY B 128 -10.47 11.08 -17.65
CA GLY B 128 -10.22 9.66 -17.80
C GLY B 128 -8.85 9.19 -17.37
N PHE B 129 -8.16 9.96 -16.53
CA PHE B 129 -6.87 9.53 -16.02
C PHE B 129 -7.09 8.62 -14.82
N THR B 130 -7.77 7.52 -15.08
CA THR B 130 -8.25 6.60 -14.06
C THR B 130 -7.70 5.19 -14.33
N ARG B 131 -6.64 5.12 -15.14
CA ARG B 131 -5.98 3.86 -15.48
C ARG B 131 -4.72 3.63 -14.64
N TYR B 132 -4.25 2.38 -14.60
CA TYR B 132 -2.95 2.02 -14.02
C TYR B 132 -1.83 2.95 -14.51
N THR B 133 -0.98 3.39 -13.59
CA THR B 133 0.18 4.15 -14.00
C THR B 133 1.41 3.25 -14.05
N LEU B 134 2.52 3.80 -14.52
CA LEU B 134 3.82 3.18 -14.33
C LEU B 134 3.96 2.86 -12.85
N ASN B 135 4.49 1.70 -12.54
CA ASN B 135 4.61 1.29 -11.15
C ASN B 135 5.37 2.30 -10.32
N ALA B 136 6.50 2.77 -10.83
CA ALA B 136 7.35 3.72 -10.13
C ALA B 136 6.73 5.11 -10.00
N GLY B 137 5.73 5.40 -10.83
CA GLY B 137 5.02 6.67 -10.76
C GLY B 137 5.02 7.31 -12.14
N ILE B 138 4.03 8.16 -12.42
CA ILE B 138 3.94 8.77 -13.76
C ILE B 138 5.19 9.65 -13.96
N THR B 139 5.63 9.75 -15.20
CA THR B 139 6.88 10.42 -15.51
C THR B 139 6.85 11.91 -15.11
N GLU B 140 5.69 12.53 -15.31
CA GLU B 140 5.50 13.95 -15.00
C GLU B 140 5.72 14.22 -13.52
N LEU B 141 5.16 13.36 -12.66
CA LEU B 141 5.34 13.53 -11.22
C LEU B 141 6.79 13.31 -10.76
N ARG B 142 7.44 12.27 -11.28
CA ARG B 142 8.80 11.94 -10.87
C ARG B 142 9.83 12.99 -11.31
N GLU B 143 9.62 13.60 -12.47
CA GLU B 143 10.47 14.70 -12.92
C GLU B 143 10.21 15.96 -12.09
N ALA B 144 8.95 16.20 -11.70
CA ALA B 144 8.63 17.34 -10.85
C ALA B 144 9.24 17.15 -9.47
N ILE B 145 9.23 15.91 -8.98
CA ILE B 145 9.87 15.59 -7.69
C ILE B 145 11.39 15.85 -7.75
N CYS B 146 12.04 15.41 -8.82
CA CYS B 146 13.47 15.70 -9.01
C CYS B 146 13.78 17.22 -9.04
N ARG B 147 12.95 17.99 -9.73
CA ARG B 147 13.11 19.46 -9.74
C ARG B 147 12.99 20.05 -8.35
N LYS B 148 12.04 19.54 -7.58
CA LYS B 148 11.82 20.02 -6.23
C LYS B 148 13.01 19.69 -5.33
N LEU B 149 13.53 18.47 -5.46
CA LEU B 149 14.63 18.02 -4.61
C LEU B 149 15.89 18.83 -4.90
N LYS B 150 16.04 19.26 -6.14
CA LYS B 150 17.17 20.12 -6.51
C LYS B 150 16.95 21.53 -5.98
N GLU B 151 15.86 22.15 -6.39
CA GLU B 151 15.53 23.53 -6.03
C GLU B 151 15.44 23.79 -4.52
N GLU B 152 14.85 22.86 -3.78
CA GLU B 152 14.62 23.10 -2.36
C GLU B 152 15.70 22.49 -1.46
N ASN B 153 16.15 21.29 -1.79
CA ASN B 153 17.07 20.54 -0.92
C ASN B 153 18.52 20.48 -1.43
N GLY B 154 18.77 20.98 -2.63
CA GLY B 154 20.09 20.94 -3.23
C GLY B 154 20.55 19.55 -3.64
N LEU B 155 19.61 18.65 -3.88
CA LEU B 155 19.93 17.26 -4.20
C LEU B 155 19.69 16.93 -5.67
N SER B 156 20.56 16.11 -6.26
CA SER B 156 20.44 15.76 -7.68
C SER B 156 20.09 14.30 -7.86
N TYR B 157 18.84 14.06 -8.27
CA TYR B 157 18.39 12.72 -8.60
C TYR B 157 17.88 12.68 -10.03
N ALA B 158 18.05 11.53 -10.67
CA ALA B 158 17.42 11.27 -11.95
C ALA B 158 16.01 10.76 -11.69
N PRO B 159 15.11 10.91 -12.66
CA PRO B 159 13.73 10.45 -12.45
C PRO B 159 13.60 8.95 -12.14
N ASP B 160 14.57 8.12 -12.54
CA ASP B 160 14.40 6.71 -12.22
C ASP B 160 15.04 6.40 -10.87
N GLN B 161 15.39 7.45 -10.13
CA GLN B 161 15.81 7.30 -8.76
C GLN B 161 14.68 7.66 -7.80
N ILE B 162 13.49 7.90 -8.37
CA ILE B 162 12.32 8.24 -7.57
C ILE B 162 11.30 7.12 -7.64
N LEU B 163 10.77 6.71 -6.49
CA LEU B 163 9.65 5.76 -6.44
C LEU B 163 8.44 6.36 -5.74
N VAL B 164 7.30 6.42 -6.43
CA VAL B 164 6.07 6.98 -5.86
C VAL B 164 5.18 5.88 -5.27
N SER B 165 4.71 6.09 -4.05
CA SER B 165 3.91 5.11 -3.30
C SER B 165 2.61 5.69 -2.73
N ASN B 166 1.76 4.82 -2.19
CA ASN B 166 0.48 5.20 -1.56
C ASN B 166 0.65 5.81 -0.17
N GLY B 167 1.31 6.96 -0.09
CA GLY B 167 1.62 7.55 1.20
C GLY B 167 3.05 7.21 1.60
N ALA B 168 3.65 8.07 2.43
CA ALA B 168 5.03 7.93 2.88
C ALA B 168 5.22 6.73 3.80
N LYS B 169 4.16 6.35 4.51
CA LYS B 169 4.21 5.19 5.37
C LYS B 169 4.72 3.97 4.60
N GLN B 170 4.19 3.78 3.39
CA GLN B 170 4.58 2.66 2.54
C GLN B 170 5.99 2.83 1.99
N SER B 171 6.39 4.08 1.72
CA SER B 171 7.74 4.38 1.28
C SER B 171 8.79 3.95 2.30
N LEU B 172 8.57 4.27 3.57
CA LEU B 172 9.51 3.88 4.65
C LEU B 172 9.60 2.37 4.80
N LEU B 173 8.46 1.69 4.74
CA LEU B 173 8.44 0.25 4.91
C LEU B 173 9.23 -0.47 3.83
N GLN B 174 8.95 -0.13 2.58
CA GLN B 174 9.61 -0.77 1.47
C GLN B 174 11.13 -0.53 1.51
N ALA B 175 11.52 0.67 1.93
CA ALA B 175 12.93 0.98 2.12
C ALA B 175 13.58 0.09 3.17
N VAL B 176 12.90 -0.08 4.29
CA VAL B 176 13.40 -0.89 5.37
C VAL B 176 13.47 -2.37 4.95
N LEU B 177 12.47 -2.84 4.21
CA LEU B 177 12.44 -4.26 3.82
C LEU B 177 13.52 -4.57 2.80
N ALA B 178 13.80 -3.58 1.96
CA ALA B 178 14.77 -3.75 0.89
C ALA B 178 16.22 -3.81 1.40
N VAL B 179 16.55 -3.06 2.45
CA VAL B 179 17.96 -2.96 2.84
C VAL B 179 18.30 -3.66 4.16
N CYS B 180 17.30 -4.08 4.94
CA CYS B 180 17.63 -4.74 6.20
C CYS B 180 17.47 -6.24 6.11
N SER B 181 18.60 -6.94 6.23
CA SER B 181 18.62 -8.40 6.36
C SER B 181 18.21 -8.79 7.78
N PRO B 182 17.82 -10.05 8.00
CA PRO B 182 17.50 -10.46 9.37
C PRO B 182 18.70 -10.31 10.31
N GLY B 183 18.45 -9.80 11.51
CA GLY B 183 19.50 -9.67 12.50
C GLY B 183 20.19 -8.32 12.42
N ASP B 184 20.03 -7.65 11.28
CA ASP B 184 20.51 -6.27 11.15
C ASP B 184 19.86 -5.40 12.20
N GLU B 185 20.54 -4.33 12.60
CA GLU B 185 20.00 -3.44 13.59
C GLU B 185 19.61 -2.10 12.97
N VAL B 186 18.44 -1.62 13.35
CA VAL B 186 17.98 -0.31 12.90
C VAL B 186 18.03 0.67 14.06
N ILE B 187 18.87 1.68 13.95
CA ILE B 187 19.06 2.66 15.01
C ILE B 187 17.99 3.76 14.95
N ILE B 188 17.26 3.91 16.05
CA ILE B 188 16.13 4.81 16.11
C ILE B 188 16.21 5.72 17.34
N PRO B 189 16.50 7.01 17.12
CA PRO B 189 16.49 7.94 18.24
C PRO B 189 15.08 8.08 18.83
N ALA B 190 14.98 7.97 20.14
CA ALA B 190 13.73 8.23 20.85
C ALA B 190 13.69 9.70 21.21
N PRO B 191 12.48 10.28 21.31
CA PRO B 191 11.17 9.74 20.96
C PRO B 191 11.06 9.50 19.46
N TYR B 192 10.38 8.44 19.07
CA TYR B 192 10.30 8.09 17.66
C TYR B 192 8.86 8.04 17.19
N TRP B 193 8.66 8.27 15.90
CA TRP B 193 7.32 8.07 15.32
C TRP B 193 6.98 6.57 15.42
N VAL B 194 5.76 6.28 15.83
CA VAL B 194 5.39 4.94 16.32
C VAL B 194 5.71 3.76 15.37
N SER B 195 5.70 4.01 14.06
CA SER B 195 5.80 2.90 13.10
C SER B 195 7.22 2.43 12.77
N TYR B 196 8.23 3.24 13.08
CA TYR B 196 9.64 2.91 12.78
C TYR B 196 10.10 1.57 13.35
N THR B 197 9.80 1.33 14.62
CA THR B 197 10.25 0.10 15.28
C THR B 197 9.53 -1.12 14.71
N GLU B 198 8.24 -0.95 14.44
CA GLU B 198 7.43 -2.07 13.94
C GLU B 198 7.77 -2.41 12.49
N GLN B 199 8.13 -1.41 11.70
CA GLN B 199 8.54 -1.68 10.32
C GLN B 199 9.86 -2.43 10.32
N ALA B 200 10.75 -2.05 11.22
CA ALA B 200 12.02 -2.75 11.40
C ALA B 200 11.79 -4.23 11.73
N ARG B 201 10.83 -4.51 12.61
CA ARG B 201 10.54 -5.88 12.99
C ARG B 201 9.88 -6.70 11.88
N LEU B 202 9.14 -6.04 10.99
CA LEU B 202 8.60 -6.70 9.81
C LEU B 202 9.72 -7.20 8.90
N ALA B 203 10.87 -6.55 8.96
CA ALA B 203 12.02 -6.97 8.16
C ALA B 203 12.88 -8.01 8.88
N ASP B 204 12.45 -8.41 10.08
CA ASP B 204 13.25 -9.23 11.00
C ASP B 204 14.55 -8.54 11.41
N ALA B 205 14.47 -7.21 11.50
CA ALA B 205 15.59 -6.42 11.98
C ALA B 205 15.34 -6.11 13.45
N THR B 206 16.40 -5.66 14.13
CA THR B 206 16.30 -5.34 15.54
C THR B 206 16.39 -3.83 15.76
N PRO B 207 15.32 -3.22 16.28
CA PRO B 207 15.41 -1.78 16.58
C PRO B 207 16.36 -1.51 17.74
N VAL B 208 17.29 -0.58 17.53
CA VAL B 208 18.17 -0.13 18.59
C VAL B 208 17.80 1.32 18.92
N VAL B 209 17.16 1.51 20.06
CA VAL B 209 16.60 2.82 20.37
C VAL B 209 17.58 3.64 21.22
N ILE B 210 17.86 4.85 20.77
CA ILE B 210 18.71 5.76 21.54
C ILE B 210 17.89 6.85 22.20
N PRO B 211 17.81 6.83 23.53
CA PRO B 211 16.97 7.81 24.23
C PRO B 211 17.57 9.20 24.12
N THR B 212 16.72 10.23 24.14
CA THR B 212 17.20 11.61 24.16
C THR B 212 16.46 12.33 25.28
N LYS B 213 16.89 13.55 25.58
CA LYS B 213 16.38 14.25 26.74
C LYS B 213 15.72 15.58 26.40
N ILE B 214 14.65 15.89 27.11
CA ILE B 214 13.89 17.10 26.85
C ILE B 214 14.77 18.32 27.06
N SER B 215 15.67 18.27 28.05
CA SER B 215 16.57 19.40 28.28
C SER B 215 17.53 19.61 27.10
N ASN B 216 17.63 18.64 26.20
CA ASN B 216 18.45 18.79 25.00
C ASN B 216 17.61 18.96 23.73
N ASN B 217 16.38 19.45 23.89
CA ASN B 217 15.41 19.53 22.80
C ASN B 217 15.19 18.19 22.09
N PHE B 218 15.35 17.10 22.85
CA PHE B 218 15.13 15.75 22.35
C PHE B 218 16.01 15.45 21.13
N LEU B 219 17.21 16.02 21.10
CA LEU B 219 18.16 15.77 20.00
C LEU B 219 19.21 14.74 20.38
N LEU B 220 19.51 13.87 19.42
CA LEU B 220 20.53 12.85 19.56
C LEU B 220 21.88 13.42 20.02
N ASP B 221 22.51 12.71 20.95
CA ASP B 221 23.89 12.97 21.31
C ASP B 221 24.81 12.06 20.47
N PRO B 222 25.70 12.66 19.66
CA PRO B 222 26.62 11.92 18.79
C PRO B 222 27.42 10.82 19.52
N LYS B 223 27.86 11.11 20.75
CA LYS B 223 28.51 10.10 21.60
C LYS B 223 27.62 8.89 21.82
N ASP B 224 26.35 9.14 22.11
CA ASP B 224 25.40 8.06 22.36
C ASP B 224 25.20 7.23 21.10
N LEU B 225 25.23 7.88 19.95
CA LEU B 225 25.11 7.18 18.68
C LEU B 225 26.33 6.29 18.41
N GLU B 226 27.52 6.87 18.52
CA GLU B 226 28.72 6.09 18.26
C GLU B 226 28.84 4.94 19.27
N SER B 227 28.41 5.16 20.50
CA SER B 227 28.37 4.10 21.51
C SER B 227 27.52 2.89 21.11
N LYS B 228 26.54 3.11 20.25
CA LYS B 228 25.53 2.10 19.95
C LYS B 228 25.79 1.36 18.62
N LEU B 229 26.84 1.75 17.91
CA LEU B 229 27.12 1.17 16.61
C LEU B 229 27.73 -0.21 16.74
N THR B 230 27.32 -1.11 15.86
CA THR B 230 27.93 -2.42 15.77
C THR B 230 28.16 -2.78 14.32
N GLU B 231 28.81 -3.92 14.09
CA GLU B 231 28.94 -4.49 12.75
C GLU B 231 27.56 -4.76 12.12
N LYS B 232 26.56 -4.97 12.97
CA LYS B 232 25.18 -5.21 12.54
C LYS B 232 24.35 -3.96 12.22
N SER B 233 24.83 -2.77 12.58
CA SER B 233 24.10 -1.55 12.29
C SER B 233 23.99 -1.33 10.79
N ARG B 234 22.76 -1.18 10.31
CA ARG B 234 22.47 -1.16 8.87
C ARG B 234 21.75 0.11 8.46
N LEU B 235 20.81 0.53 9.30
CA LEU B 235 20.03 1.70 8.98
C LEU B 235 19.88 2.57 10.21
N LEU B 236 20.12 3.86 10.03
CA LEU B 236 19.84 4.89 11.03
C LEU B 236 18.70 5.76 10.52
N ILE B 237 17.65 5.90 11.31
CA ILE B 237 16.50 6.70 10.92
C ILE B 237 16.54 8.12 11.52
N LEU B 238 16.61 9.12 10.65
CA LEU B 238 16.59 10.52 11.05
C LEU B 238 15.30 11.22 10.60
N CYS B 239 14.44 11.55 11.56
CA CYS B 239 13.20 12.22 11.26
C CYS B 239 13.32 13.69 11.65
N SER B 240 13.32 14.57 10.66
CA SER B 240 13.43 16.02 10.94
C SER B 240 12.67 16.86 9.91
N PRO B 241 11.79 17.78 10.36
CA PRO B 241 11.34 18.01 11.74
C PRO B 241 10.69 16.75 12.30
N SER B 242 10.80 16.54 13.60
N SER B 242 10.79 16.54 13.60
CA SER B 242 10.41 15.27 14.21
CA SER B 242 10.44 15.25 14.18
C SER B 242 8.94 15.15 14.56
C SER B 242 8.99 15.11 14.63
N ASN B 243 8.41 13.97 14.31
CA ASN B 243 7.15 13.52 14.92
C ASN B 243 7.66 12.46 15.89
N PRO B 244 7.42 12.65 17.20
CA PRO B 244 6.47 13.52 17.89
C PRO B 244 6.97 14.84 18.50
N THR B 245 8.25 15.19 18.40
CA THR B 245 8.76 16.26 19.26
C THR B 245 8.76 17.64 18.63
N GLY B 246 8.65 17.70 17.32
CA GLY B 246 8.78 18.94 16.59
C GLY B 246 10.21 19.50 16.60
N SER B 247 11.16 18.69 17.02
CA SER B 247 12.58 19.09 17.00
C SER B 247 13.12 19.12 15.58
N VAL B 248 14.03 20.05 15.31
CA VAL B 248 14.69 20.17 14.01
C VAL B 248 16.21 20.01 14.16
N TYR B 249 16.80 19.08 13.42
CA TYR B 249 18.25 18.82 13.53
C TYR B 249 19.08 19.93 12.88
N PRO B 250 19.90 20.63 13.69
CA PRO B 250 20.81 21.65 13.15
C PRO B 250 21.81 21.02 12.19
N LYS B 251 22.24 21.79 11.20
CA LYS B 251 23.26 21.30 10.27
C LYS B 251 24.51 20.79 11.00
N SER B 252 24.92 21.49 12.06
CA SER B 252 26.16 21.13 12.73
C SER B 252 26.07 19.76 13.39
N LEU B 253 24.91 19.43 13.94
CA LEU B 253 24.68 18.10 14.49
C LEU B 253 24.67 17.06 13.38
N LEU B 254 23.95 17.36 12.30
CA LEU B 254 23.88 16.44 11.17
C LEU B 254 25.27 16.14 10.64
N GLU B 255 26.11 17.17 10.62
CA GLU B 255 27.48 17.06 10.14
C GLU B 255 28.27 16.13 11.03
N GLU B 256 28.09 16.25 12.34
CA GLU B 256 28.83 15.39 13.25
C GLU B 256 28.33 13.94 13.15
N ILE B 257 27.03 13.75 12.92
CA ILE B 257 26.50 12.40 12.71
C ILE B 257 27.10 11.80 11.46
N ALA B 258 27.13 12.57 10.38
CA ALA B 258 27.71 12.13 9.11
C ALA B 258 29.16 11.65 9.25
N ARG B 259 29.96 12.40 9.99
CA ARG B 259 31.36 12.02 10.18
C ARG B 259 31.47 10.68 10.93
N ILE B 260 30.54 10.43 11.84
CA ILE B 260 30.48 9.12 12.50
C ILE B 260 30.04 8.03 11.53
N ILE B 261 29.01 8.33 10.74
CA ILE B 261 28.47 7.39 9.75
C ILE B 261 29.52 7.01 8.70
N ALA B 262 30.21 8.03 8.18
CA ALA B 262 31.16 7.89 7.06
C ALA B 262 32.40 7.10 7.44
N LYS B 263 32.20 5.94 8.03
CA LYS B 263 33.25 5.23 8.72
C LYS B 263 32.80 3.79 8.86
N HIS B 264 31.49 3.61 8.93
CA HIS B 264 30.88 2.29 8.87
C HIS B 264 30.25 2.08 7.49
N PRO B 265 30.87 1.20 6.68
CA PRO B 265 30.43 1.00 5.29
C PRO B 265 29.07 0.31 5.10
N ARG B 266 28.50 -0.29 6.14
CA ARG B 266 27.16 -0.90 6.00
C ARG B 266 26.04 0.05 6.39
N LEU B 267 26.36 1.13 7.08
CA LEU B 267 25.32 1.96 7.69
C LEU B 267 24.66 2.97 6.74
N LEU B 268 23.40 2.72 6.42
CA LEU B 268 22.62 3.64 5.62
C LEU B 268 21.87 4.59 6.51
N VAL B 269 21.34 5.66 5.92
CA VAL B 269 20.54 6.61 6.64
C VAL B 269 19.19 6.73 5.94
N LEU B 270 18.11 6.64 6.71
CA LEU B 270 16.77 6.89 6.19
C LEU B 270 16.32 8.24 6.74
N SER B 271 16.16 9.20 5.84
CA SER B 271 15.86 10.58 6.21
C SER B 271 14.41 10.93 5.89
N ASP B 272 13.57 10.94 6.92
CA ASP B 272 12.13 11.19 6.77
C ASP B 272 11.83 12.69 6.81
N GLU B 273 11.64 13.31 5.66
CA GLU B 273 11.53 14.76 5.57
C GLU B 273 10.12 15.26 5.31
N ILE B 274 9.13 14.50 5.79
CA ILE B 274 7.74 14.75 5.44
C ILE B 274 7.25 16.12 5.98
N TYR B 275 7.81 16.55 7.11
CA TYR B 275 7.39 17.84 7.70
C TYR B 275 8.32 19.00 7.36
N GLU B 276 9.14 18.84 6.33
CA GLU B 276 10.17 19.83 6.01
C GLU B 276 9.63 21.27 5.85
N HIS B 277 8.41 21.44 5.34
CA HIS B 277 7.89 22.78 5.07
C HIS B 277 7.16 23.33 6.27
N ILE B 278 6.80 22.46 7.21
CA ILE B 278 6.24 22.93 8.46
C ILE B 278 7.43 23.19 9.36
N ILE B 279 8.02 24.36 9.20
CA ILE B 279 9.20 24.69 9.97
C ILE B 279 9.15 26.16 10.34
N TYR B 280 9.56 26.46 11.57
CA TYR B 280 9.44 27.82 12.09
C TYR B 280 10.77 28.52 12.14
N ALA B 281 10.88 29.61 11.39
CA ALA B 281 12.06 30.49 11.43
C ALA B 281 12.34 30.94 12.86
N PRO B 282 13.62 30.98 13.26
CA PRO B 282 14.83 30.86 12.43
C PRO B 282 15.35 29.44 12.17
N ALA B 283 14.60 28.41 12.54
CA ALA B 283 15.02 27.04 12.20
C ALA B 283 14.99 26.81 10.71
N THR B 284 15.87 25.93 10.23
CA THR B 284 15.94 25.62 8.81
C THR B 284 16.16 24.11 8.59
N HIS B 285 15.58 23.59 7.51
CA HIS B 285 15.68 22.18 7.15
C HIS B 285 16.93 21.87 6.32
N THR B 286 17.73 20.91 6.78
CA THR B 286 18.88 20.43 6.01
C THR B 286 18.70 18.96 5.63
N SER B 287 18.56 18.67 4.33
CA SER B 287 18.45 17.27 3.89
C SER B 287 19.76 16.54 4.16
N PHE B 288 19.65 15.39 4.82
CA PHE B 288 20.85 14.66 5.22
C PHE B 288 21.66 14.26 4.01
N ALA B 289 20.97 14.01 2.90
CA ALA B 289 21.66 13.58 1.68
C ALA B 289 22.57 14.65 1.07
N SER B 290 22.48 15.88 1.56
CA SER B 290 23.32 16.98 1.05
C SER B 290 24.70 17.08 1.70
N LEU B 291 24.92 16.33 2.77
CA LEU B 291 26.19 16.39 3.49
C LEU B 291 27.27 15.63 2.73
N PRO B 292 28.56 15.96 2.99
CA PRO B 292 29.67 15.29 2.28
C PRO B 292 29.62 13.78 2.42
N ASP B 293 29.65 13.09 1.28
CA ASP B 293 29.73 11.63 1.21
C ASP B 293 28.47 10.91 1.70
N MET B 294 27.39 11.65 1.97
CA MET B 294 26.17 11.01 2.47
C MET B 294 25.14 10.67 1.40
N TYR B 295 25.28 11.26 0.22
CA TYR B 295 24.32 11.04 -0.86
C TYR B 295 24.19 9.57 -1.21
N GLU B 296 25.32 8.88 -1.26
CA GLU B 296 25.36 7.48 -1.66
C GLU B 296 24.79 6.56 -0.60
N ARG B 297 24.57 7.07 0.61
CA ARG B 297 24.04 6.20 1.66
C ARG B 297 22.72 6.67 2.23
N THR B 298 22.08 7.62 1.58
CA THR B 298 20.87 8.17 2.15
C THR B 298 19.67 7.82 1.31
N LEU B 299 18.61 7.37 1.99
CA LEU B 299 17.28 7.23 1.41
C LEU B 299 16.41 8.39 1.88
N THR B 300 15.95 9.20 0.94
CA THR B 300 15.18 10.37 1.32
C THR B 300 13.69 10.06 1.11
N VAL B 301 12.91 10.11 2.19
CA VAL B 301 11.47 9.94 2.10
C VAL B 301 10.76 11.27 2.35
N ASN B 302 9.77 11.54 1.49
CA ASN B 302 8.98 12.76 1.61
C ASN B 302 7.57 12.50 1.07
N GLY B 303 6.75 13.53 1.01
CA GLY B 303 5.39 13.35 0.55
C GLY B 303 4.55 14.61 0.62
N PHE B 304 3.24 14.42 0.58
CA PHE B 304 2.32 15.51 0.34
C PHE B 304 1.32 15.73 1.45
N SER B 305 1.23 14.81 2.40
CA SER B 305 0.09 14.84 3.32
C SER B 305 0.18 16.03 4.30
N ALA B 306 1.36 16.33 4.81
CA ALA B 306 1.52 17.38 5.82
C ALA B 306 1.59 18.77 5.22
N ALA B 307 2.43 18.92 4.19
CA ALA B 307 2.65 20.22 3.55
C ALA B 307 1.45 20.70 2.76
N PHE B 308 0.80 19.80 2.03
CA PHE B 308 -0.28 20.21 1.14
C PHE B 308 -1.66 19.74 1.62
N ALA B 309 -1.72 19.24 2.86
CA ALA B 309 -2.98 18.76 3.42
C ALA B 309 -3.68 17.80 2.47
N MET B 310 -2.96 16.77 2.04
CA MET B 310 -3.51 15.78 1.12
C MET B 310 -3.58 14.40 1.77
N THR B 311 -3.84 14.38 3.07
CA THR B 311 -3.93 13.13 3.81
C THR B 311 -4.91 12.17 3.15
N GLY B 312 -6.07 12.70 2.73
CA GLY B 312 -7.09 11.90 2.09
C GLY B 312 -6.67 11.31 0.76
N TRP B 313 -5.59 11.81 0.19
CA TRP B 313 -5.10 11.31 -1.07
C TRP B 313 -4.11 10.12 -1.21
N ARG B 314 -3.33 9.86 -0.17
CA ARG B 314 -2.30 8.80 -0.13
C ARG B 314 -1.26 8.95 -1.24
N LEU B 315 -0.23 9.73 -0.98
CA LEU B 315 0.82 9.94 -1.96
C LEU B 315 2.13 10.32 -1.26
N GLY B 316 3.16 9.52 -1.49
CA GLY B 316 4.48 9.80 -0.94
C GLY B 316 5.53 9.29 -1.90
N TYR B 317 6.80 9.56 -1.63
CA TYR B 317 7.85 9.09 -2.52
C TYR B 317 9.15 8.80 -1.78
N LEU B 318 10.02 8.03 -2.43
CA LEU B 318 11.38 7.78 -1.96
C LEU B 318 12.38 8.20 -3.03
N ALA B 319 13.47 8.84 -2.62
CA ALA B 319 14.58 9.11 -3.52
C ALA B 319 15.84 8.52 -2.91
N GLY B 320 16.64 7.84 -3.73
CA GLY B 320 17.89 7.29 -3.25
C GLY B 320 18.78 6.74 -4.33
N PRO B 321 19.79 5.95 -3.93
CA PRO B 321 20.71 5.31 -4.87
C PRO B 321 19.92 4.40 -5.80
N LYS B 322 20.31 4.40 -7.07
CA LYS B 322 19.54 3.72 -8.11
C LYS B 322 19.28 2.24 -7.74
N HIS B 323 20.28 1.56 -7.19
CA HIS B 323 20.14 0.13 -6.90
C HIS B 323 19.13 -0.13 -5.79
N ILE B 324 19.03 0.76 -4.83
CA ILE B 324 18.10 0.54 -3.74
C ILE B 324 16.67 0.88 -4.20
N VAL B 325 16.53 1.96 -4.95
CA VAL B 325 15.24 2.34 -5.50
C VAL B 325 14.69 1.25 -6.41
N ALA B 326 15.57 0.64 -7.21
CA ALA B 326 15.16 -0.42 -8.11
C ALA B 326 14.63 -1.64 -7.33
N ALA B 327 15.28 -1.96 -6.21
CA ALA B 327 14.80 -3.03 -5.35
C ALA B 327 13.45 -2.69 -4.71
N CYS B 328 13.29 -1.46 -4.23
CA CYS B 328 12.02 -1.03 -3.67
C CYS B 328 10.89 -1.08 -4.69
N SER B 329 11.19 -0.67 -5.92
CA SER B 329 10.17 -0.68 -6.97
C SER B 329 9.76 -2.10 -7.32
N LYS B 330 10.74 -2.99 -7.37
CA LYS B 330 10.48 -4.40 -7.61
C LYS B 330 9.55 -4.93 -6.51
N LEU B 331 9.82 -4.53 -5.28
CA LEU B 331 9.02 -4.95 -4.15
C LEU B 331 7.60 -4.37 -4.22
N GLN B 332 7.49 -3.08 -4.50
CA GLN B 332 6.19 -2.43 -4.64
C GLN B 332 5.34 -3.06 -5.73
N GLY B 333 6.00 -3.51 -6.79
CA GLY B 333 5.32 -4.21 -7.87
C GLY B 333 4.67 -5.50 -7.41
N GLN B 334 5.11 -6.03 -6.27
CA GLN B 334 4.47 -7.21 -5.68
C GLN B 334 3.55 -6.85 -4.53
N VAL B 335 3.64 -5.62 -4.05
CA VAL B 335 2.90 -5.18 -2.88
C VAL B 335 1.61 -4.43 -3.20
N SER B 336 1.69 -3.47 -4.12
CA SER B 336 0.55 -2.58 -4.33
C SER B 336 0.44 -2.00 -5.74
N SER B 337 1.46 -2.20 -6.57
CA SER B 337 1.51 -1.54 -7.88
C SER B 337 1.59 -0.02 -7.69
N GLY B 338 1.28 0.72 -8.75
CA GLY B 338 1.44 2.17 -8.71
C GLY B 338 0.48 2.86 -7.77
N ALA B 339 0.87 4.04 -7.31
CA ALA B 339 -0.06 4.90 -6.55
C ALA B 339 -1.18 5.35 -7.50
N SER B 340 -2.28 5.81 -6.92
CA SER B 340 -3.44 6.24 -7.69
C SER B 340 -3.10 7.25 -8.78
N SER B 341 -3.68 7.04 -9.96
CA SER B 341 -3.49 7.96 -11.06
C SER B 341 -3.97 9.36 -10.73
N ILE B 342 -5.12 9.42 -10.06
CA ILE B 342 -5.73 10.69 -9.72
C ILE B 342 -4.86 11.48 -8.76
N ALA B 343 -4.36 10.82 -7.72
CA ALA B 343 -3.55 11.47 -6.71
C ALA B 343 -2.23 11.97 -7.29
N GLN B 344 -1.65 11.20 -8.21
CA GLN B 344 -0.37 11.60 -8.78
C GLN B 344 -0.51 12.88 -9.62
N LYS B 345 -1.64 13.01 -10.31
CA LYS B 345 -1.97 14.23 -11.03
C LYS B 345 -2.11 15.42 -10.08
N ALA B 346 -2.78 15.21 -8.96
CA ALA B 346 -2.87 16.23 -7.93
C ALA B 346 -1.49 16.59 -7.39
N GLY B 347 -0.62 15.58 -7.32
CA GLY B 347 0.72 15.78 -6.81
C GLY B 347 1.53 16.66 -7.74
N VAL B 348 1.35 16.47 -9.04
CA VAL B 348 2.03 17.33 -10.01
C VAL B 348 1.62 18.77 -9.77
N ALA B 349 0.32 19.00 -9.59
CA ALA B 349 -0.18 20.34 -9.32
C ALA B 349 0.39 20.94 -8.04
N ALA B 350 0.45 20.15 -6.98
CA ALA B 350 1.00 20.60 -5.69
C ALA B 350 2.43 21.09 -5.85
N LEU B 351 3.25 20.34 -6.58
CA LEU B 351 4.64 20.73 -6.82
C LEU B 351 4.69 21.94 -7.76
N GLY B 352 3.61 22.14 -8.52
CA GLY B 352 3.49 23.30 -9.40
C GLY B 352 3.24 24.62 -8.66
N LEU B 353 3.02 24.55 -7.36
CA LEU B 353 2.75 25.75 -6.57
C LEU B 353 4.02 26.54 -6.38
N GLY B 354 5.16 25.92 -6.66
CA GLY B 354 6.42 26.61 -6.60
C GLY B 354 7.26 26.19 -5.42
N LYS B 355 8.32 26.96 -5.17
CA LYS B 355 9.27 26.63 -4.12
C LYS B 355 8.62 26.65 -2.74
N ALA B 356 8.73 25.52 -2.05
CA ALA B 356 8.18 25.34 -0.71
C ALA B 356 6.66 25.52 -0.69
N GLY B 357 6.01 25.31 -1.83
CA GLY B 357 4.55 25.44 -1.92
C GLY B 357 4.02 26.87 -2.01
N GLY B 358 4.93 27.83 -2.17
CA GLY B 358 4.55 29.22 -2.37
C GLY B 358 3.73 29.82 -1.23
N GLU B 359 2.88 30.77 -1.58
CA GLU B 359 2.06 31.46 -0.59
C GLU B 359 1.03 30.51 0.04
N THR B 360 0.63 29.48 -0.70
CA THR B 360 -0.30 28.47 -0.20
C THR B 360 0.18 27.83 1.09
N VAL B 361 1.44 27.38 1.09
CA VAL B 361 2.01 26.71 2.25
C VAL B 361 2.43 27.74 3.31
N ALA B 362 2.83 28.93 2.88
CA ALA B 362 3.19 29.99 3.81
C ALA B 362 2.04 30.28 4.79
N GLU B 363 0.81 30.35 4.28
CA GLU B 363 -0.33 30.60 5.13
C GLU B 363 -0.52 29.52 6.20
N MET B 364 -0.36 28.26 5.78
CA MET B 364 -0.44 27.11 6.68
C MET B 364 0.58 27.17 7.83
N VAL B 365 1.83 27.38 7.47
CA VAL B 365 2.90 27.51 8.45
C VAL B 365 2.61 28.66 9.42
N LYS B 366 2.19 29.79 8.87
CA LYS B 366 1.83 30.94 9.71
C LYS B 366 0.73 30.59 10.72
N ALA B 367 -0.28 29.85 10.27
CA ALA B 367 -1.35 29.38 11.14
C ALA B 367 -0.86 28.44 12.24
N TYR B 368 0.01 27.50 11.86
CA TYR B 368 0.51 26.51 12.81
C TYR B 368 1.38 27.18 13.86
N ARG B 369 2.14 28.18 13.45
CA ARG B 369 3.04 28.87 14.36
C ARG B 369 2.24 29.57 15.45
N GLU B 370 1.12 30.16 15.03
CA GLU B 370 0.17 30.81 15.93
C GLU B 370 -0.40 29.85 16.96
N ARG B 371 -0.83 28.67 16.50
CA ARG B 371 -1.39 27.66 17.37
C ARG B 371 -0.35 27.11 18.34
N ARG B 372 0.85 26.84 17.81
CA ARG B 372 2.00 26.46 18.64
C ARG B 372 2.23 27.46 19.76
N ASP B 373 2.29 28.74 19.41
CA ASP B 373 2.61 29.77 20.39
C ASP B 373 1.52 29.84 21.47
N PHE B 374 0.26 29.74 21.06
CA PHE B 374 -0.84 29.67 22.01
C PHE B 374 -0.73 28.49 23.01
N LEU B 375 -0.40 27.31 22.50
CA LEU B 375 -0.33 26.11 23.35
C LEU B 375 0.88 26.13 24.28
N VAL B 376 2.03 26.54 23.75
CA VAL B 376 3.26 26.60 24.51
C VAL B 376 3.12 27.57 25.70
N LYS B 377 2.53 28.73 25.44
CA LYS B 377 2.30 29.72 26.48
C LYS B 377 1.23 29.23 27.48
N SER B 378 0.11 28.72 26.98
CA SER B 378 -0.99 28.24 27.83
C SER B 378 -0.56 27.10 28.74
N LEU B 379 -0.05 26.03 28.14
CA LEU B 379 0.28 24.84 28.89
C LEU B 379 1.53 25.02 29.74
N GLY B 380 2.39 25.94 29.32
CA GLY B 380 3.68 26.14 29.94
C GLY B 380 3.64 26.56 31.41
N ASP B 381 2.76 27.50 31.74
CA ASP B 381 2.70 28.02 33.09
C ASP B 381 1.80 27.17 34.01
N ILE B 382 1.41 26.00 33.54
CA ILE B 382 0.76 25.03 34.41
C ILE B 382 1.86 24.42 35.27
N LYS B 383 1.61 24.33 36.58
CA LYS B 383 2.59 23.72 37.48
C LYS B 383 2.87 22.26 37.07
N GLY B 384 4.15 21.91 36.99
CA GLY B 384 4.55 20.54 36.69
C GLY B 384 4.41 20.10 35.24
N VAL B 385 4.29 21.07 34.34
CA VAL B 385 4.21 20.78 32.90
C VAL B 385 5.45 21.35 32.22
N LYS B 386 6.20 20.48 31.55
CA LYS B 386 7.44 20.88 30.87
C LYS B 386 7.33 20.74 29.35
N ILE B 387 7.77 21.77 28.63
CA ILE B 387 7.56 21.84 27.19
C ILE B 387 8.80 22.20 26.40
N SER B 388 9.24 21.30 25.54
CA SER B 388 10.23 21.65 24.53
C SER B 388 9.52 22.35 23.39
N GLU B 389 9.75 23.65 23.22
CA GLU B 389 9.14 24.42 22.15
C GLU B 389 9.62 23.93 20.78
N PRO B 390 8.70 23.41 19.96
CA PRO B 390 9.05 22.77 18.69
C PRO B 390 9.48 23.75 17.61
N GLN B 391 10.44 23.32 16.78
CA GLN B 391 10.96 24.15 15.72
C GLN B 391 10.28 23.81 14.39
N GLY B 392 9.47 22.73 14.37
CA GLY B 392 8.75 22.32 13.18
C GLY B 392 7.65 21.29 13.42
N ALA B 393 6.99 20.85 12.34
CA ALA B 393 5.93 19.87 12.42
C ALA B 393 4.67 20.47 13.05
N PHE B 394 3.79 19.59 13.54
CA PHE B 394 2.55 20.03 14.17
C PHE B 394 2.24 19.22 15.42
N TYR B 395 3.23 19.08 16.29
CA TYR B 395 3.08 18.33 17.54
C TYR B 395 3.76 18.98 18.73
N LEU B 396 3.14 18.83 19.89
CA LEU B 396 3.78 19.14 21.16
C LEU B 396 4.00 17.84 21.94
N PHE B 397 5.23 17.61 22.36
CA PHE B 397 5.55 16.43 23.14
C PHE B 397 5.72 16.90 24.59
N ILE B 398 4.63 16.82 25.35
CA ILE B 398 4.55 17.48 26.63
C ILE B 398 4.83 16.56 27.81
N ASP B 399 5.77 16.98 28.65
CA ASP B 399 6.18 16.23 29.84
C ASP B 399 5.24 16.52 31.00
N PHE B 400 4.35 15.58 31.30
CA PHE B 400 3.46 15.68 32.45
C PHE B 400 3.90 14.80 33.61
N SER B 401 5.12 14.29 33.55
CA SER B 401 5.55 13.22 34.48
C SER B 401 5.55 13.64 35.97
N ALA B 402 5.59 14.95 36.25
CA ALA B 402 5.52 15.42 37.63
C ALA B 402 4.24 14.96 38.33
N TYR B 403 3.21 14.63 37.56
CA TYR B 403 1.93 14.16 38.11
C TYR B 403 1.86 12.63 38.25
N TYR B 404 2.87 11.90 37.78
CA TYR B 404 2.85 10.46 37.93
C TYR B 404 2.90 10.12 39.41
N GLY B 405 2.09 9.16 39.84
CA GLY B 405 2.01 8.78 41.23
C GLY B 405 0.77 9.38 41.88
N SER B 406 0.07 10.23 41.13
CA SER B 406 -1.18 10.80 41.60
C SER B 406 -2.31 9.78 41.52
N GLU B 407 -3.28 9.93 42.41
CA GLU B 407 -4.50 9.12 42.36
C GLU B 407 -5.69 10.04 42.15
N ALA B 408 -6.44 9.82 41.09
CA ALA B 408 -7.63 10.62 40.81
C ALA B 408 -8.88 9.88 41.25
N GLU B 409 -9.70 10.53 42.07
CA GLU B 409 -10.92 9.94 42.58
C GLU B 409 -11.89 9.64 41.44
N GLY B 410 -12.24 8.38 41.27
CA GLY B 410 -13.15 7.97 40.22
C GLY B 410 -12.45 7.27 39.09
N PHE B 411 -11.13 7.45 39.00
CA PHE B 411 -10.35 6.81 37.94
C PHE B 411 -9.33 5.84 38.53
N GLY B 412 -8.58 6.33 39.50
CA GLY B 412 -7.54 5.55 40.12
C GLY B 412 -6.15 6.10 39.87
N LEU B 413 -5.17 5.22 39.96
CA LEU B 413 -3.75 5.59 39.92
C LEU B 413 -3.27 6.02 38.52
N ILE B 414 -2.60 7.16 38.48
CA ILE B 414 -2.00 7.67 37.26
C ILE B 414 -0.49 7.74 37.42
N ASN B 415 0.22 6.76 36.86
CA ASN B 415 1.66 6.73 37.04
C ASN B 415 2.49 6.52 35.77
N ASP B 416 1.88 6.68 34.60
CA ASP B 416 2.60 6.61 33.33
C ASP B 416 1.80 7.28 32.22
N SER B 417 2.37 7.40 31.03
CA SER B 417 1.73 8.19 29.98
C SER B 417 0.40 7.58 29.56
N SER B 418 0.30 6.25 29.62
CA SER B 418 -0.91 5.56 29.21
C SER B 418 -2.09 5.81 30.15
N SER B 419 -1.85 5.72 31.45
CA SER B 419 -2.90 5.99 32.42
C SER B 419 -3.27 7.48 32.45
N LEU B 420 -2.30 8.37 32.18
CA LEU B 420 -2.64 9.80 32.11
C LEU B 420 -3.43 10.13 30.85
N ALA B 421 -2.99 9.65 29.70
CA ALA B 421 -3.75 9.84 28.46
C ALA B 421 -5.16 9.26 28.56
N LEU B 422 -5.27 8.08 29.19
CA LEU B 422 -6.57 7.47 29.43
C LEU B 422 -7.42 8.33 30.38
N TYR B 423 -6.80 8.85 31.43
CA TYR B 423 -7.46 9.79 32.33
C TYR B 423 -8.08 10.96 31.56
N PHE B 424 -7.24 11.64 30.78
CA PHE B 424 -7.70 12.79 29.98
C PHE B 424 -8.90 12.46 29.08
N LEU B 425 -8.85 11.27 28.46
CA LEU B 425 -9.87 10.87 27.52
C LEU B 425 -11.17 10.42 28.17
N ASP B 426 -11.08 9.49 29.10
CA ASP B 426 -12.25 8.93 29.77
C ASP B 426 -12.99 9.93 30.64
N LYS B 427 -12.26 10.83 31.29
CA LYS B 427 -12.87 11.76 32.25
C LYS B 427 -13.07 13.16 31.69
N PHE B 428 -12.25 13.57 30.72
CA PHE B 428 -12.35 14.94 30.22
C PHE B 428 -12.49 15.03 28.71
N GLN B 429 -12.58 13.87 28.07
CA GLN B 429 -12.92 13.79 26.64
C GLN B 429 -11.92 14.57 25.78
N VAL B 430 -10.65 14.45 26.13
CA VAL B 430 -9.59 14.96 25.29
C VAL B 430 -8.72 13.78 24.91
N ALA B 431 -8.60 13.56 23.61
CA ALA B 431 -7.82 12.43 23.09
C ALA B 431 -6.40 12.86 22.66
N MET B 432 -5.40 12.35 23.36
CA MET B 432 -3.99 12.57 23.03
C MET B 432 -3.29 11.21 22.90
N VAL B 433 -2.04 11.18 22.47
CA VAL B 433 -1.36 9.90 22.35
C VAL B 433 -0.22 9.83 23.36
N PRO B 434 -0.26 8.81 24.24
CA PRO B 434 0.73 8.67 25.30
C PRO B 434 2.12 8.40 24.76
N GLY B 435 3.11 9.00 25.41
CA GLY B 435 4.48 8.93 24.95
C GLY B 435 5.05 7.53 24.85
N ASP B 436 4.53 6.60 25.66
CA ASP B 436 5.07 5.24 25.68
C ASP B 436 5.08 4.64 24.26
N ALA B 437 4.10 5.01 23.44
CA ALA B 437 4.05 4.52 22.06
C ALA B 437 5.18 5.08 21.21
N PHE B 438 5.77 6.19 21.65
CA PHE B 438 6.87 6.84 20.93
C PHE B 438 8.22 6.51 21.54
N GLY B 439 8.24 5.58 22.48
CA GLY B 439 9.47 5.23 23.18
C GLY B 439 9.88 6.12 24.35
N ASP B 440 8.99 6.99 24.81
CA ASP B 440 9.30 7.88 25.93
C ASP B 440 8.08 8.15 26.81
N ASP B 441 8.02 7.41 27.91
CA ASP B 441 6.86 7.37 28.78
C ASP B 441 6.63 8.64 29.60
N SER B 442 7.62 9.54 29.60
CA SER B 442 7.54 10.75 30.43
C SER B 442 6.65 11.82 29.84
N CYS B 443 6.25 11.65 28.57
CA CYS B 443 5.49 12.67 27.84
C CYS B 443 4.16 12.22 27.23
N ILE B 444 3.38 13.18 26.73
CA ILE B 444 2.19 12.90 25.96
C ILE B 444 2.16 13.78 24.71
N ARG B 445 1.81 13.22 23.56
CA ARG B 445 1.82 14.01 22.32
C ARG B 445 0.47 14.66 22.04
N ILE B 446 0.52 15.93 21.66
CA ILE B 446 -0.66 16.69 21.24
C ILE B 446 -0.50 17.16 19.81
N SER B 447 -1.50 16.93 18.96
CA SER B 447 -1.44 17.56 17.64
C SER B 447 -2.13 18.90 17.70
N TYR B 448 -1.54 19.94 17.11
CA TYR B 448 -2.22 21.23 17.12
C TYR B 448 -2.55 21.73 15.72
N ALA B 449 -2.70 20.79 14.79
CA ALA B 449 -3.20 21.08 13.45
C ALA B 449 -4.72 21.18 13.44
N THR B 450 -5.26 21.92 14.40
CA THR B 450 -6.70 22.15 14.47
C THR B 450 -6.94 23.60 14.87
N SER B 451 -8.20 24.01 15.00
CA SER B 451 -8.52 25.44 15.20
C SER B 451 -8.12 25.96 16.58
N LEU B 452 -7.81 27.26 16.63
CA LEU B 452 -7.52 27.94 17.89
C LEU B 452 -8.65 27.79 18.92
N ASP B 453 -9.89 27.85 18.45
CA ASP B 453 -11.05 27.66 19.32
C ASP B 453 -11.06 26.25 19.94
N VAL B 454 -10.71 25.23 19.16
CA VAL B 454 -10.59 23.88 19.70
C VAL B 454 -9.45 23.79 20.74
N LEU B 455 -8.31 24.40 20.44
CA LEU B 455 -7.17 24.41 21.35
C LEU B 455 -7.45 25.17 22.66
N GLN B 456 -8.18 26.28 22.58
CA GLN B 456 -8.57 26.98 23.81
C GLN B 456 -9.38 26.05 24.70
N ALA B 457 -10.32 25.32 24.12
CA ALA B 457 -11.15 24.39 24.88
C ALA B 457 -10.32 23.25 25.51
N ALA B 458 -9.36 22.74 24.74
CA ALA B 458 -8.52 21.66 25.22
C ALA B 458 -7.69 22.10 26.42
N VAL B 459 -7.21 23.34 26.37
CA VAL B 459 -6.39 23.88 27.45
C VAL B 459 -7.20 24.03 28.76
N GLU B 460 -8.41 24.56 28.67
CA GLU B 460 -9.26 24.63 29.86
C GLU B 460 -9.52 23.23 30.44
N LYS B 461 -9.88 22.29 29.58
CA LYS B 461 -10.13 20.92 30.04
C LYS B 461 -8.88 20.28 30.66
N ILE B 462 -7.70 20.58 30.13
CA ILE B 462 -6.47 20.02 30.68
C ILE B 462 -6.17 20.59 32.07
N ARG B 463 -6.28 21.91 32.20
CA ARG B 463 -6.09 22.57 33.50
C ARG B 463 -7.02 21.97 34.54
N LYS B 464 -8.29 21.86 34.18
CA LYS B 464 -9.29 21.29 35.07
C LYS B 464 -8.95 19.85 35.47
N ALA B 465 -8.46 19.07 34.51
CA ALA B 465 -8.08 17.69 34.81
C ALA B 465 -6.88 17.62 35.75
N LEU B 466 -5.93 18.54 35.59
CA LEU B 466 -4.69 18.49 36.37
C LEU B 466 -4.89 19.02 37.79
N GLU B 467 -5.85 19.93 37.94
CA GLU B 467 -6.14 20.58 39.23
C GLU B 467 -6.33 19.65 40.44
N PRO B 468 -7.18 18.61 40.34
CA PRO B 468 -7.31 17.69 41.49
C PRO B 468 -6.03 16.93 41.81
N LEU B 469 -5.09 16.93 40.87
CA LEU B 469 -3.86 16.18 41.02
C LEU B 469 -2.79 17.06 41.66
N ARG B 470 -1.65 16.47 42.00
CA ARG B 470 -0.55 17.20 42.62
C ARG B 470 0.77 16.91 41.90
N ALA B 471 1.62 17.94 41.80
CA ALA B 471 2.83 17.84 40.99
C ALA B 471 4.11 17.75 41.82
N THR B 472 5.12 17.11 41.23
CA THR B 472 6.42 16.81 41.83
C THR B 472 6.27 16.27 43.26
#